data_4R5M
#
_entry.id   4R5M
#
_cell.length_a   107.353
_cell.length_b   107.353
_cell.length_c   152.837
_cell.angle_alpha   90.00
_cell.angle_beta   90.00
_cell.angle_gamma   90.00
#
_symmetry.space_group_name_H-M   'P 43 21 2'
#
loop_
_entity.id
_entity.type
_entity.pdbx_description
1 polymer 'Aspartate-semialdehyde dehydrogenase 1'
2 non-polymer 'SODIUM ION'
3 non-polymer 'NADP NICOTINAMIDE-ADENINE-DINUCLEOTIDE PHOSPHATE'
4 non-polymer '4-nitro-2-phosphonobenzoic acid'
5 water water
#
_entity_poly.entity_id   1
_entity_poly.type   'polypeptide(L)'
_entity_poly.pdbx_seq_one_letter_code
;MRVGLVGWRGMVGSVLMQRMVEERDFDLIEPVFFSTSQIGVPAPNFGKDAGMLHDAFDIESLKQLDAVITCQGGSYTEKV
YPALRQAGWKGYWIDAASTLRMDKEAIITLDPVNLKQILHGIHHGTKTFVGGNCTVSLMLMALGGLYERGLVEWMSAMTY
QAASGAGAQNMRELISQMGVINDAVSSELANPASSILDIDKKVAETMRSGSFPTDNFGVPLAGSLIPWIDVKRDNGQSKE
EWKAGVEANKILGLQDSPVPIDGTCVRIGAMRCHSQALTIKLKQNIPLDEIEEMIATHNDWVKVIPNERDITARELTPAK
VTGTLSVPVGRLRKMAMGDDFLNAFTVGDQLLWGAAEPLRRTLRIILAEKHHHHHH
;
_entity_poly.pdbx_strand_id   A,B
#
# COMPACT_ATOMS: atom_id res chain seq x y z
N MET A 1 43.55 10.54 5.47
CA MET A 1 42.41 10.53 6.43
C MET A 1 42.20 9.12 6.97
N ARG A 2 42.25 8.98 8.29
CA ARG A 2 42.05 7.70 8.95
C ARG A 2 40.60 7.55 9.35
N VAL A 3 39.92 6.57 8.76
CA VAL A 3 38.48 6.42 8.87
C VAL A 3 38.10 5.08 9.49
N GLY A 4 37.43 5.12 10.65
CA GLY A 4 36.95 3.92 11.31
C GLY A 4 35.61 3.47 10.73
N LEU A 5 35.47 2.16 10.52
CA LEU A 5 34.22 1.58 10.03
C LEU A 5 33.64 0.70 11.12
N VAL A 6 32.42 1.02 11.58
CA VAL A 6 31.67 0.21 12.55
C VAL A 6 30.36 -0.27 11.90
N GLY A 7 30.01 -1.54 12.12
CA GLY A 7 28.80 -2.10 11.51
C GLY A 7 28.91 -2.39 10.02
N TRP A 8 30.14 -2.52 9.55
CA TRP A 8 30.46 -2.84 8.17
C TRP A 8 30.00 -4.25 7.75
N ARG A 9 29.79 -5.14 8.74
CA ARG A 9 29.53 -6.56 8.49
C ARG A 9 28.04 -6.91 8.29
N GLY A 10 27.14 -6.11 8.86
CA GLY A 10 25.71 -6.34 8.76
C GLY A 10 25.08 -6.00 7.41
N MET A 11 23.76 -5.93 7.39
CA MET A 11 23.04 -5.74 6.13
C MET A 11 23.36 -4.36 5.54
N VAL A 12 23.11 -3.32 6.31
CA VAL A 12 23.33 -1.94 5.83
C VAL A 12 24.82 -1.75 5.52
N GLY A 13 25.65 -2.18 6.47
CA GLY A 13 27.11 -2.13 6.29
C GLY A 13 27.63 -2.83 5.05
N SER A 14 27.08 -4.00 4.74
CA SER A 14 27.49 -4.76 3.56
C SER A 14 27.11 -4.04 2.26
N VAL A 15 25.95 -3.38 2.26
CA VAL A 15 25.54 -2.57 1.11
C VAL A 15 26.54 -1.43 0.98
N LEU A 16 26.87 -0.79 2.10
CA LEU A 16 27.84 0.31 2.11
C LEU A 16 29.20 -0.13 1.59
N MET A 17 29.69 -1.27 2.07
CA MET A 17 30.98 -1.80 1.62
C MET A 17 31.01 -2.03 0.10
N GLN A 18 29.97 -2.66 -0.44
CA GLN A 18 29.91 -2.88 -1.89
C GLN A 18 29.96 -1.56 -2.68
N ARG A 19 29.19 -0.56 -2.21
CA ARG A 19 29.19 0.75 -2.85
C ARG A 19 30.55 1.44 -2.73
N MET A 20 31.22 1.28 -1.59
CA MET A 20 32.55 1.88 -1.42
C MET A 20 33.58 1.25 -2.36
N VAL A 21 33.45 -0.06 -2.60
CA VAL A 21 34.32 -0.75 -3.54
C VAL A 21 34.01 -0.28 -4.97
N GLU A 22 32.73 -0.24 -5.33
CA GLU A 22 32.29 0.22 -6.66
C GLU A 22 32.78 1.64 -6.99
N GLU A 23 32.81 2.52 -6.00
CA GLU A 23 33.23 3.92 -6.23
C GLU A 23 34.71 4.17 -5.91
N ARG A 24 35.43 3.10 -5.59
CA ARG A 24 36.84 3.16 -5.19
C ARG A 24 37.11 4.15 -4.06
N ASP A 25 36.19 4.22 -3.09
CA ASP A 25 36.34 5.12 -1.95
C ASP A 25 37.54 4.74 -1.10
N PHE A 26 37.89 3.46 -1.05
CA PHE A 26 39.01 2.99 -0.22
C PHE A 26 40.39 3.50 -0.68
N ASP A 27 40.51 3.89 -1.94
CA ASP A 27 41.74 4.51 -2.45
C ASP A 27 42.05 5.84 -1.76
N LEU A 28 41.02 6.50 -1.23
CA LEU A 28 41.16 7.85 -0.72
C LEU A 28 41.38 7.96 0.79
N ILE A 29 41.31 6.82 1.49
CA ILE A 29 41.35 6.83 2.94
C ILE A 29 42.24 5.74 3.50
N GLU A 30 42.54 5.83 4.80
CA GLU A 30 43.17 4.73 5.54
C GLU A 30 42.06 4.11 6.40
N PRO A 31 41.47 3.00 5.93
CA PRO A 31 40.35 2.42 6.66
C PRO A 31 40.78 1.63 7.88
N VAL A 32 40.02 1.76 8.96
CA VAL A 32 40.31 1.02 10.19
C VAL A 32 39.00 0.32 10.56
N PHE A 33 39.01 -1.00 10.54
CA PHE A 33 37.80 -1.77 10.79
C PHE A 33 37.64 -2.13 12.26
N PHE A 34 36.45 -1.85 12.78
CA PHE A 34 36.11 -2.14 14.17
C PHE A 34 35.06 -3.26 14.30
N SER A 35 35.14 -3.97 15.41
CA SER A 35 34.20 -5.03 15.74
C SER A 35 33.58 -4.79 17.10
N THR A 36 32.32 -5.18 17.25
CA THR A 36 31.67 -5.22 18.56
C THR A 36 31.64 -6.63 19.15
N SER A 37 32.27 -7.59 18.47
CA SER A 37 32.18 -8.98 18.86
C SER A 37 33.51 -9.75 18.96
N GLN A 38 34.52 -9.39 18.17
CA GLN A 38 35.79 -10.12 18.20
C GLN A 38 36.90 -9.30 17.54
N ILE A 39 38.06 -9.22 18.20
CA ILE A 39 39.13 -8.32 17.77
C ILE A 39 40.46 -9.04 17.55
N GLY A 40 41.40 -8.37 16.91
CA GLY A 40 42.77 -8.85 16.74
C GLY A 40 43.02 -9.74 15.52
N VAL A 41 41.95 -10.32 14.98
CA VAL A 41 42.02 -11.13 13.75
C VAL A 41 42.00 -10.20 12.54
N PRO A 42 42.38 -10.72 11.35
CA PRO A 42 42.44 -9.85 10.16
C PRO A 42 41.14 -9.12 9.83
N ALA A 43 41.27 -7.84 9.53
CA ALA A 43 40.20 -7.01 8.96
C ALA A 43 39.82 -7.51 7.57
N PRO A 44 38.63 -7.13 7.09
CA PRO A 44 38.31 -7.52 5.72
C PRO A 44 39.24 -6.84 4.71
N ASN A 45 39.45 -7.48 3.57
CA ASN A 45 40.29 -6.93 2.51
C ASN A 45 39.40 -6.66 1.30
N PHE A 46 39.15 -5.37 1.05
CA PHE A 46 38.30 -4.95 -0.06
C PHE A 46 39.15 -4.33 -1.17
N GLY A 47 40.34 -4.89 -1.38
CA GLY A 47 41.27 -4.36 -2.38
C GLY A 47 42.65 -4.12 -1.79
N LYS A 48 42.70 -3.70 -0.52
CA LYS A 48 43.98 -3.52 0.18
C LYS A 48 43.90 -3.96 1.64
N ASP A 49 45.04 -4.38 2.17
CA ASP A 49 45.11 -4.84 3.56
C ASP A 49 44.93 -3.70 4.55
N ALA A 50 44.07 -3.90 5.54
CA ALA A 50 43.76 -2.88 6.54
C ALA A 50 44.13 -3.33 7.97
N GLY A 51 44.96 -4.36 8.10
CA GLY A 51 45.43 -4.81 9.42
C GLY A 51 44.39 -5.64 10.16
N MET A 52 44.13 -5.28 11.41
CA MET A 52 43.31 -6.09 12.31
C MET A 52 41.96 -5.45 12.60
N LEU A 53 41.05 -6.24 13.16
CA LEU A 53 39.83 -5.72 13.76
C LEU A 53 40.14 -5.09 15.12
N HIS A 54 39.72 -3.84 15.28
CA HIS A 54 39.88 -3.09 16.51
C HIS A 54 38.59 -3.09 17.33
N ASP A 55 38.72 -2.78 18.60
CA ASP A 55 37.61 -2.79 19.55
C ASP A 55 36.74 -1.52 19.36
N ALA A 56 35.52 -1.72 18.89
CA ALA A 56 34.59 -0.62 18.58
C ALA A 56 34.20 0.20 19.81
N PHE A 57 34.45 -0.33 21.01
CA PHE A 57 34.10 0.36 22.23
C PHE A 57 35.28 1.07 22.91
N ASP A 58 36.48 0.94 22.38
CA ASP A 58 37.65 1.51 23.01
C ASP A 58 37.85 2.99 22.65
N ILE A 59 37.64 3.87 23.63
CA ILE A 59 37.66 5.32 23.41
C ILE A 59 39.01 5.78 22.88
N GLU A 60 40.12 5.26 23.42
CA GLU A 60 41.45 5.69 22.93
C GLU A 60 41.69 5.31 21.47
N SER A 61 41.19 4.16 21.05
CA SER A 61 41.32 3.74 19.65
C SER A 61 40.53 4.65 18.72
N LEU A 62 39.30 4.96 19.11
CA LEU A 62 38.43 5.84 18.32
C LEU A 62 39.00 7.27 18.23
N LYS A 63 39.62 7.72 19.32
CA LYS A 63 40.24 9.05 19.35
C LYS A 63 41.36 9.23 18.33
N GLN A 64 41.96 8.13 17.88
CA GLN A 64 43.02 8.22 16.86
C GLN A 64 42.49 8.40 15.44
N LEU A 65 41.17 8.40 15.27
CA LEU A 65 40.58 8.47 13.93
C LEU A 65 40.23 9.91 13.59
N ASP A 66 40.29 10.22 12.30
CA ASP A 66 39.79 11.48 11.75
C ASP A 66 38.26 11.44 11.54
N ALA A 67 37.71 10.24 11.35
CA ALA A 67 36.27 10.10 11.17
C ALA A 67 35.84 8.67 11.51
N VAL A 68 34.57 8.53 11.86
CA VAL A 68 33.92 7.23 12.01
C VAL A 68 32.71 7.16 11.07
N ILE A 69 32.57 6.05 10.33
CA ILE A 69 31.33 5.75 9.62
C ILE A 69 30.71 4.55 10.30
N THR A 70 29.54 4.76 10.89
CA THR A 70 28.85 3.69 11.64
C THR A 70 27.46 3.33 11.11
N CYS A 71 27.28 2.04 10.85
CA CYS A 71 25.99 1.42 10.54
C CYS A 71 25.59 0.45 11.65
N GLN A 72 26.17 0.59 12.84
CA GLN A 72 26.04 -0.42 13.90
C GLN A 72 24.73 -0.28 14.65
N GLY A 73 24.15 0.92 14.63
CA GLY A 73 22.82 1.14 15.20
C GLY A 73 22.78 2.04 16.42
N GLY A 74 21.59 2.42 16.83
CA GLY A 74 21.42 3.37 17.93
C GLY A 74 21.99 2.95 19.28
N SER A 75 21.86 1.67 19.62
CA SER A 75 22.44 1.19 20.87
C SER A 75 23.92 1.46 20.96
N TYR A 76 24.63 1.19 19.86
CA TYR A 76 26.04 1.50 19.77
C TYR A 76 26.32 3.00 19.91
N THR A 77 25.59 3.83 19.15
CA THR A 77 25.83 5.26 19.20
C THR A 77 25.59 5.82 20.61
N GLU A 78 24.52 5.38 21.26
CA GLU A 78 24.20 5.87 22.61
C GLU A 78 25.32 5.55 23.60
N LYS A 79 25.93 4.40 23.39
CA LYS A 79 26.96 3.90 24.29
C LYS A 79 28.28 4.65 24.12
N VAL A 80 28.66 4.91 22.87
CA VAL A 80 30.01 5.38 22.54
C VAL A 80 30.11 6.88 22.29
N TYR A 81 29.13 7.45 21.57
CA TYR A 81 29.26 8.83 21.09
C TYR A 81 29.46 9.87 22.20
N PRO A 82 28.59 9.89 23.23
CA PRO A 82 28.75 10.91 24.28
C PRO A 82 30.11 10.86 24.99
N ALA A 83 30.55 9.66 25.37
CA ALA A 83 31.89 9.48 25.96
C ALA A 83 33.00 9.98 25.03
N LEU A 84 32.90 9.62 23.76
CA LEU A 84 33.90 10.01 22.77
C LEU A 84 34.00 11.53 22.62
N ARG A 85 32.85 12.22 22.54
CA ARG A 85 32.87 13.69 22.51
C ARG A 85 33.34 14.26 23.86
N GLN A 86 32.87 13.67 24.96
CA GLN A 86 33.27 14.16 26.29
C GLN A 86 34.80 14.05 26.48
N ALA A 87 35.40 13.02 25.88
CA ALA A 87 36.86 12.82 25.96
C ALA A 87 37.68 13.75 25.06
N GLY A 88 37.02 14.65 24.31
CA GLY A 88 37.73 15.63 23.48
C GLY A 88 37.86 15.32 22.00
N TRP A 89 37.26 14.23 21.52
CA TRP A 89 37.38 13.87 20.11
C TRP A 89 36.66 14.90 19.21
N LYS A 90 37.37 15.42 18.21
CA LYS A 90 36.83 16.43 17.29
C LYS A 90 36.64 15.91 15.87
N GLY A 91 36.68 14.59 15.70
CA GLY A 91 36.56 14.01 14.38
C GLY A 91 35.14 13.95 13.89
N TYR A 92 34.97 13.51 12.65
CA TYR A 92 33.66 13.46 12.01
C TYR A 92 32.95 12.14 12.33
N TRP A 93 31.75 12.23 12.89
CA TRP A 93 30.91 11.06 13.17
C TRP A 93 29.83 11.00 12.11
N ILE A 94 29.90 9.98 11.26
CA ILE A 94 28.95 9.79 10.16
C ILE A 94 28.12 8.53 10.46
N ASP A 95 26.82 8.73 10.70
CA ASP A 95 25.98 7.71 11.36
C ASP A 95 24.67 7.48 10.60
N ALA A 96 24.32 6.21 10.42
CA ALA A 96 23.04 5.83 9.83
C ALA A 96 21.90 5.87 10.87
N ALA A 97 22.23 5.82 12.15
CA ALA A 97 21.23 5.62 13.20
C ALA A 97 20.43 6.87 13.47
N SER A 98 19.23 6.69 14.05
CA SER A 98 18.34 7.82 14.32
C SER A 98 18.76 8.66 15.52
N THR A 99 19.59 8.07 16.38
CA THR A 99 19.99 8.62 17.68
C THR A 99 20.25 10.13 17.67
N LEU A 100 21.13 10.57 16.78
CA LEU A 100 21.61 11.95 16.77
C LEU A 100 20.93 12.87 15.75
N ARG A 101 19.97 12.38 14.97
CA ARG A 101 19.38 13.19 13.87
C ARG A 101 18.87 14.55 14.31
N MET A 102 18.20 14.60 15.46
CA MET A 102 17.59 15.84 15.92
C MET A 102 18.46 16.54 16.98
N ASP A 103 19.72 16.13 17.10
CA ASP A 103 20.68 16.79 17.99
C ASP A 103 21.07 18.14 17.40
N LYS A 104 21.15 19.15 18.25
CA LYS A 104 21.47 20.51 17.80
C LYS A 104 22.85 20.63 17.19
N GLU A 105 23.73 19.67 17.48
CA GLU A 105 25.08 19.64 16.91
C GLU A 105 25.25 18.70 15.70
N ALA A 106 24.15 18.13 15.20
CA ALA A 106 24.17 17.25 14.04
C ALA A 106 23.44 17.84 12.82
N ILE A 107 23.97 17.57 11.64
CA ILE A 107 23.31 17.86 10.37
C ILE A 107 22.79 16.51 9.80
N ILE A 108 21.56 16.48 9.32
CA ILE A 108 21.02 15.34 8.56
C ILE A 108 21.46 15.52 7.11
N THR A 109 22.18 14.51 6.62
CA THR A 109 22.85 14.58 5.32
CA THR A 109 22.83 14.60 5.31
C THR A 109 22.06 13.92 4.19
N LEU A 110 21.74 14.70 3.16
CA LEU A 110 21.16 14.16 1.92
C LEU A 110 21.58 15.11 0.81
N ASP A 111 22.83 14.97 0.36
CA ASP A 111 23.52 16.07 -0.32
C ASP A 111 22.92 16.50 -1.67
N PRO A 112 22.25 15.59 -2.41
CA PRO A 112 21.59 16.10 -3.61
C PRO A 112 20.52 17.14 -3.28
N VAL A 113 20.00 17.08 -2.05
CA VAL A 113 19.05 18.06 -1.56
C VAL A 113 19.72 19.20 -0.79
N ASN A 114 20.61 18.88 0.17
CA ASN A 114 21.15 19.91 1.09
C ASN A 114 22.69 20.06 1.14
N LEU A 115 23.36 19.89 0.01
CA LEU A 115 24.82 20.06 -0.05
C LEU A 115 25.28 21.39 0.59
N LYS A 116 24.58 22.48 0.27
CA LYS A 116 24.93 23.79 0.80
C LYS A 116 24.94 23.82 2.34
N GLN A 117 23.93 23.20 2.95
CA GLN A 117 23.83 23.13 4.41
C GLN A 117 24.96 22.28 4.98
N ILE A 118 25.27 21.17 4.29
CA ILE A 118 26.37 20.29 4.69
C ILE A 118 27.71 21.03 4.66
N LEU A 119 27.99 21.72 3.55
CA LEU A 119 29.22 22.49 3.40
C LEU A 119 29.36 23.60 4.43
N HIS A 120 28.27 24.33 4.70
CA HIS A 120 28.29 25.36 5.75
C HIS A 120 28.65 24.74 7.10
N GLY A 121 28.03 23.61 7.42
CA GLY A 121 28.35 22.90 8.65
C GLY A 121 29.81 22.54 8.76
N ILE A 122 30.36 21.95 7.70
CA ILE A 122 31.75 21.50 7.70
C ILE A 122 32.70 22.70 7.91
N HIS A 123 32.36 23.81 7.27
CA HIS A 123 33.22 25.01 7.35
C HIS A 123 33.08 25.77 8.65
N HIS A 124 31.99 25.55 9.39
CA HIS A 124 31.75 26.23 10.65
C HIS A 124 31.72 25.31 11.87
N GLY A 125 32.43 24.18 11.79
CA GLY A 125 32.71 23.37 12.96
C GLY A 125 31.75 22.24 13.31
N THR A 126 30.73 22.01 12.50
CA THR A 126 29.86 20.84 12.70
C THR A 126 30.64 19.56 12.42
N LYS A 127 30.57 18.60 13.34
CA LYS A 127 31.36 17.38 13.22
C LYS A 127 30.52 16.09 13.16
N THR A 128 29.20 16.23 13.22
CA THR A 128 28.30 15.09 13.25
C THR A 128 27.30 15.18 12.11
N PHE A 129 27.29 14.14 11.28
CA PHE A 129 26.47 14.08 10.07
C PHE A 129 25.72 12.76 10.03
N VAL A 130 24.40 12.85 10.02
CA VAL A 130 23.54 11.69 10.21
C VAL A 130 22.63 11.50 8.99
N GLY A 131 22.63 10.29 8.44
CA GLY A 131 21.67 9.94 7.39
C GLY A 131 20.24 9.97 7.92
N GLY A 132 19.31 10.46 7.09
CA GLY A 132 17.91 10.54 7.50
C GLY A 132 17.18 9.21 7.47
N ASN A 133 15.92 9.23 7.91
CA ASN A 133 15.07 8.04 7.83
C ASN A 133 14.85 7.65 6.36
N CYS A 134 14.72 6.36 6.10
CA CYS A 134 14.50 5.85 4.75
C CYS A 134 13.40 6.60 4.00
N THR A 135 12.22 6.72 4.60
CA THR A 135 11.06 7.38 3.97
C THR A 135 11.33 8.83 3.57
N VAL A 136 12.06 9.53 4.43
CA VAL A 136 12.43 10.93 4.24
C VAL A 136 13.40 11.12 3.09
N SER A 137 14.48 10.35 3.11
N SER A 137 14.49 10.36 3.08
CA SER A 137 15.50 10.42 2.08
CA SER A 137 15.49 10.51 2.04
C SER A 137 14.89 10.14 0.71
C SER A 137 14.90 10.14 0.68
N LEU A 138 14.09 9.08 0.64
CA LEU A 138 13.49 8.65 -0.62
C LEU A 138 12.47 9.63 -1.18
N MET A 139 11.67 10.25 -0.29
CA MET A 139 10.69 11.24 -0.70
C MET A 139 11.36 12.50 -1.25
N LEU A 140 12.39 12.98 -0.55
CA LEU A 140 13.12 14.17 -1.01
C LEU A 140 13.96 13.94 -2.28
N MET A 141 14.47 12.73 -2.47
CA MET A 141 15.16 12.41 -3.72
C MET A 141 14.19 12.45 -4.90
N ALA A 142 12.92 12.17 -4.66
CA ALA A 142 11.91 12.25 -5.70
C ALA A 142 11.41 13.69 -5.88
N LEU A 143 11.19 14.41 -4.77
CA LEU A 143 10.50 15.71 -4.85
C LEU A 143 11.35 16.94 -4.54
N GLY A 144 12.67 16.76 -4.48
CA GLY A 144 13.60 17.84 -4.16
C GLY A 144 13.41 19.09 -5.01
N GLY A 145 13.09 18.87 -6.28
CA GLY A 145 12.87 19.99 -7.21
C GLY A 145 11.76 20.94 -6.80
N LEU A 146 10.72 20.42 -6.15
CA LEU A 146 9.61 21.23 -5.64
C LEU A 146 9.94 21.89 -4.31
N TYR A 147 10.47 21.10 -3.37
CA TYR A 147 10.81 21.57 -2.03
C TYR A 147 11.88 22.64 -2.05
N GLU A 148 12.88 22.50 -2.91
CA GLU A 148 13.98 23.47 -2.94
C GLU A 148 13.49 24.86 -3.39
N ARG A 149 12.46 24.91 -4.21
CA ARG A 149 11.88 26.18 -4.67
C ARG A 149 10.78 26.75 -3.74
N GLY A 150 10.54 26.11 -2.60
CA GLY A 150 9.54 26.61 -1.65
C GLY A 150 8.11 26.54 -2.12
N LEU A 151 7.82 25.60 -3.04
CA LEU A 151 6.49 25.52 -3.66
C LEU A 151 5.45 24.68 -2.90
N VAL A 152 5.88 23.93 -1.88
CA VAL A 152 4.98 23.00 -1.17
C VAL A 152 4.35 23.64 0.06
N GLU A 153 3.03 23.61 0.11
CA GLU A 153 2.28 24.16 1.24
C GLU A 153 2.14 23.10 2.33
N TRP A 154 1.73 21.90 1.93
CA TRP A 154 1.76 20.72 2.79
C TRP A 154 1.75 19.45 1.96
N MET A 155 2.00 18.31 2.61
CA MET A 155 1.98 17.04 1.90
C MET A 155 1.47 15.94 2.79
N SER A 156 0.51 15.17 2.28
CA SER A 156 0.03 13.97 2.94
C SER A 156 0.69 12.77 2.25
N ALA A 157 1.28 11.87 3.05
CA ALA A 157 2.05 10.74 2.53
C ALA A 157 1.55 9.42 3.10
N MET A 158 0.99 8.58 2.23
CA MET A 158 0.57 7.23 2.62
C MET A 158 1.63 6.28 2.05
N THR A 159 2.28 5.50 2.92
CA THR A 159 3.45 4.72 2.49
C THR A 159 3.17 3.21 2.36
N TYR A 160 4.09 2.56 1.67
CA TYR A 160 4.01 1.13 1.39
C TYR A 160 5.43 0.64 1.65
N GLN A 161 5.72 0.27 2.89
CA GLN A 161 7.10 0.12 3.32
C GLN A 161 7.56 -1.32 3.38
N ALA A 162 8.78 -1.54 2.90
CA ALA A 162 9.42 -2.85 2.85
C ALA A 162 9.90 -3.40 4.18
N ALA A 163 10.03 -4.72 4.21
CA ALA A 163 10.54 -5.45 5.38
C ALA A 163 11.96 -5.04 5.84
N SER A 164 12.81 -4.62 4.91
CA SER A 164 14.21 -4.30 5.21
C SER A 164 14.37 -3.18 6.25
N GLY A 165 13.41 -2.25 6.26
CA GLY A 165 13.38 -1.20 7.29
C GLY A 165 13.29 -1.74 8.72
N ALA A 166 12.72 -2.93 8.88
CA ALA A 166 12.65 -3.58 10.19
C ALA A 166 13.86 -4.49 10.43
N GLY A 167 14.43 -5.04 9.37
CA GLY A 167 15.69 -5.77 9.49
C GLY A 167 15.74 -7.04 8.67
N ALA A 168 16.92 -7.67 8.66
CA ALA A 168 17.14 -8.87 7.87
C ALA A 168 16.25 -10.02 8.34
N GLN A 169 16.09 -10.16 9.64
CA GLN A 169 15.21 -11.23 10.16
C GLN A 169 13.77 -11.05 9.72
N ASN A 170 13.34 -9.80 9.63
CA ASN A 170 12.02 -9.47 9.13
C ASN A 170 11.85 -9.80 7.65
N MET A 171 12.89 -9.56 6.86
CA MET A 171 12.87 -9.94 5.45
C MET A 171 12.73 -11.46 5.30
N ARG A 172 13.52 -12.19 6.09
CA ARG A 172 13.48 -13.66 6.07
C ARG A 172 12.10 -14.14 6.46
N GLU A 173 11.52 -13.54 7.50
CA GLU A 173 10.17 -13.91 7.96
C GLU A 173 9.14 -13.69 6.84
N LEU A 174 9.23 -12.57 6.13
CA LEU A 174 8.33 -12.31 5.00
C LEU A 174 8.36 -13.44 3.98
N ILE A 175 9.56 -13.88 3.60
CA ILE A 175 9.67 -14.91 2.58
C ILE A 175 9.16 -16.24 3.11
N SER A 176 9.47 -16.53 4.36
CA SER A 176 8.96 -17.75 5.00
C SER A 176 7.43 -17.80 5.05
N GLN A 177 6.81 -16.67 5.39
CA GLN A 177 5.35 -16.53 5.37
C GLN A 177 4.77 -16.83 3.99
N MET A 178 5.42 -16.30 2.94
CA MET A 178 4.99 -16.59 1.55
C MET A 178 4.99 -18.09 1.27
N GLY A 179 6.05 -18.77 1.67
CA GLY A 179 6.18 -20.23 1.53
C GLY A 179 5.09 -21.00 2.23
N VAL A 180 4.78 -20.62 3.47
CA VAL A 180 3.74 -21.29 4.27
C VAL A 180 2.34 -21.10 3.67
N ILE A 181 2.06 -19.91 3.16
CA ILE A 181 0.81 -19.66 2.45
C ILE A 181 0.70 -20.60 1.23
N ASN A 182 1.75 -20.65 0.40
CA ASN A 182 1.68 -21.43 -0.82
C ASN A 182 1.57 -22.92 -0.49
N ASP A 183 2.35 -23.37 0.50
CA ASP A 183 2.32 -24.75 0.97
C ASP A 183 0.91 -25.20 1.35
N ALA A 184 0.13 -24.30 1.95
CA ALA A 184 -1.18 -24.65 2.46
C ALA A 184 -2.17 -25.08 1.37
N VAL A 185 -2.00 -24.56 0.16
CA VAL A 185 -2.92 -24.80 -0.93
C VAL A 185 -2.25 -25.32 -2.21
N SER A 186 -1.01 -25.77 -2.14
CA SER A 186 -0.31 -26.16 -3.37
C SER A 186 -1.02 -27.28 -4.15
N SER A 187 -1.72 -28.17 -3.44
CA SER A 187 -2.45 -29.29 -4.07
C SER A 187 -3.69 -28.89 -4.87
N GLU A 188 -4.25 -27.72 -4.61
CA GLU A 188 -5.45 -27.26 -5.31
C GLU A 188 -5.22 -26.00 -6.15
N LEU A 189 -4.14 -25.29 -5.88
CA LEU A 189 -3.92 -23.96 -6.43
C LEU A 189 -4.01 -23.88 -7.95
N ALA A 190 -3.37 -24.83 -8.64
CA ALA A 190 -3.28 -24.82 -10.10
C ALA A 190 -4.46 -25.50 -10.84
N ASN A 191 -5.37 -26.11 -10.09
CA ASN A 191 -6.55 -26.77 -10.66
C ASN A 191 -7.75 -25.81 -10.79
N PRO A 192 -8.12 -25.40 -12.03
CA PRO A 192 -9.18 -24.41 -12.21
C PRO A 192 -10.57 -24.86 -11.75
N ALA A 193 -10.76 -26.17 -11.59
CA ALA A 193 -12.03 -26.71 -11.12
C ALA A 193 -12.11 -26.75 -9.59
N SER A 194 -11.00 -26.49 -8.92
CA SER A 194 -11.00 -26.39 -7.46
C SER A 194 -11.62 -25.05 -7.07
N SER A 195 -12.35 -25.02 -5.96
CA SER A 195 -13.02 -23.79 -5.54
C SER A 195 -12.01 -22.77 -5.04
N ILE A 196 -12.00 -21.60 -5.66
CA ILE A 196 -11.17 -20.48 -5.20
C ILE A 196 -11.56 -20.06 -3.78
N LEU A 197 -12.82 -20.25 -3.41
CA LEU A 197 -13.26 -19.99 -2.04
C LEU A 197 -12.65 -20.95 -1.02
N ASP A 198 -12.50 -22.22 -1.40
CA ASP A 198 -11.79 -23.19 -0.55
C ASP A 198 -10.30 -22.84 -0.41
N ILE A 199 -9.67 -22.47 -1.52
CA ILE A 199 -8.29 -22.01 -1.51
C ILE A 199 -8.17 -20.82 -0.57
N ASP A 200 -9.04 -19.84 -0.75
CA ASP A 200 -9.04 -18.64 0.09
C ASP A 200 -9.24 -18.95 1.57
N LYS A 201 -10.18 -19.86 1.87
CA LYS A 201 -10.42 -20.30 3.24
C LYS A 201 -9.16 -20.85 3.90
N LYS A 202 -8.44 -21.70 3.16
CA LYS A 202 -7.24 -22.36 3.68
C LYS A 202 -6.10 -21.35 3.90
N VAL A 203 -5.97 -20.41 2.98
CA VAL A 203 -4.97 -19.35 3.12
C VAL A 203 -5.23 -18.53 4.37
N ALA A 204 -6.48 -18.09 4.54
CA ALA A 204 -6.89 -17.33 5.74
C ALA A 204 -6.64 -18.11 7.04
N GLU A 205 -7.01 -19.39 7.05
CA GLU A 205 -6.77 -20.24 8.23
C GLU A 205 -5.29 -20.38 8.55
N THR A 206 -4.48 -20.57 7.51
CA THR A 206 -3.05 -20.75 7.68
C THR A 206 -2.43 -19.46 8.25
N MET A 207 -2.83 -18.33 7.69
CA MET A 207 -2.34 -17.02 8.16
C MET A 207 -2.69 -16.72 9.62
N ARG A 208 -3.85 -17.19 10.06
CA ARG A 208 -4.33 -16.96 11.42
C ARG A 208 -3.83 -17.99 12.41
N SER A 209 -3.26 -19.09 11.92
CA SER A 209 -2.81 -20.15 12.82
C SER A 209 -1.61 -19.69 13.67
N GLY A 210 -1.53 -20.19 14.89
CA GLY A 210 -0.45 -19.88 15.78
C GLY A 210 0.93 -20.19 15.21
N SER A 211 1.04 -21.26 14.42
CA SER A 211 2.34 -21.65 13.87
C SER A 211 2.79 -20.81 12.66
N PHE A 212 1.91 -19.96 12.13
CA PHE A 212 2.33 -19.05 11.05
C PHE A 212 3.51 -18.25 11.60
N PRO A 213 4.61 -18.14 10.85
CA PRO A 213 5.80 -17.49 11.42
C PRO A 213 5.66 -15.97 11.56
N THR A 214 5.43 -15.52 12.78
CA THR A 214 5.17 -14.11 13.07
C THR A 214 5.99 -13.57 14.24
N ASP A 215 7.09 -14.23 14.59
CA ASP A 215 7.89 -13.79 15.75
C ASP A 215 8.42 -12.36 15.62
N ASN A 216 8.78 -11.96 14.41
CA ASN A 216 9.36 -10.63 14.21
C ASN A 216 8.32 -9.54 14.01
N PHE A 217 7.34 -9.79 13.15
CA PHE A 217 6.31 -8.80 12.86
C PHE A 217 5.18 -8.83 13.90
N GLY A 218 4.99 -9.95 14.60
CA GLY A 218 3.85 -10.12 15.53
C GLY A 218 2.52 -10.55 14.90
N VAL A 219 2.33 -10.26 13.61
CA VAL A 219 1.12 -10.60 12.86
C VAL A 219 1.55 -10.92 11.44
N PRO A 220 0.64 -11.45 10.60
CA PRO A 220 1.07 -11.73 9.24
C PRO A 220 1.43 -10.47 8.45
N LEU A 221 2.43 -10.59 7.57
CA LEU A 221 2.73 -9.53 6.60
C LEU A 221 2.39 -9.99 5.19
N ALA A 222 2.95 -11.13 4.79
CA ALA A 222 2.53 -11.75 3.51
C ALA A 222 1.03 -11.97 3.51
N GLY A 223 0.39 -11.59 2.41
CA GLY A 223 -1.06 -11.66 2.27
C GLY A 223 -1.83 -10.56 2.96
N SER A 224 -1.12 -9.62 3.57
CA SER A 224 -1.75 -8.62 4.43
C SER A 224 -0.97 -7.29 4.39
N LEU A 225 -1.16 -6.47 5.42
CA LEU A 225 -0.38 -5.24 5.63
C LEU A 225 -0.48 -4.88 7.11
N ILE A 226 0.33 -3.92 7.55
CA ILE A 226 0.35 -3.53 8.96
C ILE A 226 0.41 -2.01 9.02
N PRO A 227 -0.72 -1.34 9.31
CA PRO A 227 -0.79 0.12 9.27
C PRO A 227 -0.31 0.81 10.56
N TRP A 228 0.83 0.34 11.08
CA TRP A 228 1.49 0.93 12.25
C TRP A 228 2.94 0.49 12.26
N ILE A 229 3.86 1.47 12.21
CA ILE A 229 5.28 1.23 12.30
C ILE A 229 5.87 2.03 13.47
N ASP A 230 6.57 1.33 14.36
CA ASP A 230 7.28 1.94 15.53
C ASP A 230 6.31 2.43 16.63
N VAL A 231 6.84 3.04 17.68
CA VAL A 231 6.06 3.33 18.89
C VAL A 231 5.06 4.47 18.70
N LYS A 232 4.02 4.48 19.53
CA LYS A 232 3.02 5.55 19.52
C LYS A 232 3.63 6.83 20.13
N ARG A 233 3.29 7.97 19.54
CA ARG A 233 3.54 9.26 20.15
C ARG A 233 2.23 9.88 20.64
N ASP A 234 2.33 10.81 21.58
CA ASP A 234 1.16 11.32 22.30
C ASP A 234 0.11 11.95 21.39
N ASN A 235 0.52 12.56 20.28
CA ASN A 235 -0.48 13.15 19.39
C ASN A 235 -1.20 12.13 18.49
N GLY A 236 -0.86 10.85 18.61
CA GLY A 236 -1.54 9.79 17.85
C GLY A 236 -0.80 9.34 16.59
N GLN A 237 0.26 10.06 16.23
CA GLN A 237 1.19 9.59 15.22
C GLN A 237 2.00 8.44 15.77
N SER A 238 2.42 7.54 14.87
CA SER A 238 3.52 6.63 15.16
C SER A 238 4.83 7.40 15.02
N LYS A 239 5.90 6.90 15.66
CA LYS A 239 7.21 7.53 15.53
C LYS A 239 7.64 7.61 14.06
N GLU A 240 7.34 6.57 13.27
CA GLU A 240 7.72 6.55 11.85
C GLU A 240 7.07 7.72 11.12
N GLU A 241 5.81 7.99 11.43
CA GLU A 241 5.05 9.06 10.77
C GLU A 241 5.57 10.44 11.21
N TRP A 242 5.87 10.57 12.49
CA TRP A 242 6.45 11.81 13.03
C TRP A 242 7.80 12.17 12.42
N LYS A 243 8.64 11.17 12.16
CA LYS A 243 9.99 11.43 11.62
C LYS A 243 9.98 12.24 10.33
N ALA A 244 9.02 11.94 9.46
CA ALA A 244 8.97 12.62 8.16
C ALA A 244 9.01 14.13 8.31
N GLY A 245 8.10 14.67 9.09
CA GLY A 245 7.98 16.12 9.22
C GLY A 245 9.20 16.78 9.83
N VAL A 246 9.65 16.28 10.99
CA VAL A 246 10.77 16.90 11.67
C VAL A 246 12.07 16.74 10.88
N GLU A 247 12.30 15.57 10.28
CA GLU A 247 13.57 15.37 9.56
C GLU A 247 13.63 16.14 8.26
N ALA A 248 12.53 16.13 7.50
CA ALA A 248 12.52 16.80 6.20
C ALA A 248 12.76 18.29 6.38
N ASN A 249 12.12 18.87 7.38
CA ASN A 249 12.26 20.30 7.63
C ASN A 249 13.62 20.69 8.17
N LYS A 250 14.28 19.79 8.91
CA LYS A 250 15.66 20.03 9.30
C LYS A 250 16.59 19.99 8.09
N ILE A 251 16.44 18.99 7.24
CA ILE A 251 17.23 18.88 6.00
C ILE A 251 17.08 20.13 5.12
N LEU A 252 15.86 20.62 5.03
CA LEU A 252 15.54 21.78 4.17
C LEU A 252 15.80 23.13 4.84
N GLY A 253 16.11 23.13 6.13
CA GLY A 253 16.38 24.37 6.86
C GLY A 253 15.14 25.21 7.11
N LEU A 254 14.01 24.55 7.36
CA LEU A 254 12.72 25.23 7.52
C LEU A 254 12.14 25.04 8.92
N GLN A 255 12.98 24.78 9.91
CA GLN A 255 12.49 24.41 11.24
C GLN A 255 11.61 25.48 11.90
N ASP A 256 11.88 26.75 11.60
CA ASP A 256 11.10 27.85 12.16
C ASP A 256 9.78 28.11 11.41
N SER A 257 9.65 27.51 10.23
CA SER A 257 8.45 27.69 9.40
C SER A 257 8.23 26.43 8.54
N PRO A 258 7.90 25.31 9.20
CA PRO A 258 8.00 24.02 8.53
C PRO A 258 6.84 23.70 7.58
N VAL A 259 7.12 22.88 6.57
CA VAL A 259 6.06 22.32 5.73
C VAL A 259 5.43 21.17 6.51
N PRO A 260 4.10 21.25 6.78
CA PRO A 260 3.45 20.13 7.42
C PRO A 260 3.46 18.89 6.52
N ILE A 261 3.96 17.79 7.08
CA ILE A 261 4.02 16.51 6.39
C ILE A 261 3.46 15.48 7.34
N ASP A 262 2.48 14.71 6.88
CA ASP A 262 1.83 13.72 7.75
C ASP A 262 1.14 12.68 6.89
N GLY A 263 0.81 11.55 7.52
CA GLY A 263 0.09 10.47 6.83
C GLY A 263 0.23 9.20 7.63
N THR A 264 -0.08 8.08 6.99
CA THR A 264 -0.05 6.78 7.64
C THR A 264 1.06 5.94 6.99
N CYS A 265 1.96 5.41 7.81
CA CYS A 265 3.06 4.56 7.36
C CYS A 265 2.65 3.09 7.51
N VAL A 266 2.65 2.35 6.41
CA VAL A 266 2.10 1.00 6.36
C VAL A 266 3.19 0.03 5.89
N ARG A 267 3.38 -1.06 6.62
CA ARG A 267 4.30 -2.11 6.19
C ARG A 267 3.58 -3.03 5.20
N ILE A 268 4.20 -3.33 4.06
CA ILE A 268 3.64 -4.27 3.07
C ILE A 268 4.70 -5.33 2.75
N GLY A 269 4.29 -6.39 2.07
CA GLY A 269 5.20 -7.52 1.79
C GLY A 269 6.15 -7.30 0.62
N ALA A 270 7.02 -6.30 0.73
CA ALA A 270 8.13 -6.09 -0.21
C ALA A 270 9.46 -6.23 0.53
N MET A 271 10.50 -6.59 -0.21
CA MET A 271 11.78 -6.89 0.41
C MET A 271 12.55 -5.64 0.86
N ARG A 272 12.86 -4.74 -0.06
CA ARG A 272 13.73 -3.61 0.28
C ARG A 272 13.47 -2.28 -0.44
N CYS A 273 12.28 -2.13 -1.03
CA CYS A 273 11.88 -0.85 -1.62
C CYS A 273 10.68 -0.27 -0.90
N HIS A 274 10.76 1.02 -0.55
CA HIS A 274 9.61 1.77 -0.04
C HIS A 274 8.94 2.51 -1.18
N SER A 275 7.61 2.49 -1.19
CA SER A 275 6.82 3.29 -2.12
C SER A 275 5.96 4.26 -1.33
N GLN A 276 5.60 5.38 -1.93
CA GLN A 276 4.81 6.39 -1.27
C GLN A 276 3.83 7.04 -2.22
N ALA A 277 2.60 7.22 -1.74
CA ALA A 277 1.54 7.85 -2.51
C ALA A 277 1.26 9.19 -1.84
N LEU A 278 1.43 10.28 -2.60
CA LEU A 278 1.53 11.62 -2.03
C LEU A 278 0.45 12.56 -2.56
N THR A 279 -0.24 13.23 -1.64
CA THR A 279 -1.14 14.35 -1.96
C THR A 279 -0.34 15.62 -1.63
N ILE A 280 0.08 16.31 -2.66
CA ILE A 280 0.96 17.47 -2.51
C ILE A 280 0.16 18.75 -2.78
N LYS A 281 0.05 19.59 -1.76
CA LYS A 281 -0.63 20.86 -1.90
C LYS A 281 0.43 21.90 -2.25
N LEU A 282 0.32 22.45 -3.45
CA LEU A 282 1.21 23.51 -3.89
C LEU A 282 0.65 24.87 -3.47
N LYS A 283 1.55 25.81 -3.21
CA LYS A 283 1.17 27.16 -2.78
C LYS A 283 0.46 27.90 -3.90
N GLN A 284 0.81 27.59 -5.15
CA GLN A 284 0.28 28.24 -6.33
C GLN A 284 -0.04 27.22 -7.43
N ASN A 285 -0.77 27.68 -8.45
CA ASN A 285 -1.10 26.84 -9.60
C ASN A 285 0.06 26.84 -10.57
N ILE A 286 0.95 25.85 -10.42
CA ILE A 286 2.09 25.71 -11.30
C ILE A 286 1.70 24.73 -12.41
N PRO A 287 1.98 25.08 -13.68
CA PRO A 287 1.67 24.15 -14.76
C PRO A 287 2.41 22.83 -14.62
N LEU A 288 1.74 21.74 -14.99
CA LEU A 288 2.29 20.39 -14.85
C LEU A 288 3.61 20.22 -15.58
N ASP A 289 3.73 20.82 -16.77
CA ASP A 289 5.01 20.84 -17.50
C ASP A 289 6.19 21.36 -16.69
N GLU A 290 5.98 22.47 -16.01
CA GLU A 290 7.03 23.05 -15.17
C GLU A 290 7.31 22.14 -13.98
N ILE A 291 6.25 21.59 -13.38
CA ILE A 291 6.41 20.64 -12.28
C ILE A 291 7.32 19.46 -12.69
N GLU A 292 6.96 18.82 -13.81
CA GLU A 292 7.76 17.74 -14.38
C GLU A 292 9.22 18.11 -14.63
N GLU A 293 9.46 19.29 -15.18
CA GLU A 293 10.84 19.72 -15.45
C GLU A 293 11.61 19.95 -14.14
N MET A 294 10.99 20.65 -13.20
CA MET A 294 11.63 20.95 -11.92
C MET A 294 11.97 19.66 -11.16
N ILE A 295 11.08 18.68 -11.20
CA ILE A 295 11.34 17.39 -10.54
C ILE A 295 12.49 16.64 -11.24
N ALA A 296 12.38 16.49 -12.56
CA ALA A 296 13.30 15.67 -13.34
C ALA A 296 14.74 16.18 -13.32
N THR A 297 14.91 17.49 -13.26
CA THR A 297 16.23 18.07 -13.39
C THR A 297 16.90 18.30 -12.04
N HIS A 298 16.24 17.91 -10.96
CA HIS A 298 16.80 18.20 -9.63
C HIS A 298 18.09 17.42 -9.33
N ASN A 299 18.13 16.15 -9.71
CA ASN A 299 19.27 15.28 -9.43
C ASN A 299 19.40 14.17 -10.46
N ASP A 300 20.51 13.44 -10.39
CA ASP A 300 20.84 12.43 -11.38
C ASP A 300 20.10 11.08 -11.22
N TRP A 301 19.32 10.91 -10.15
CA TRP A 301 18.70 9.61 -9.85
C TRP A 301 17.19 9.55 -9.96
N VAL A 302 16.52 10.68 -9.76
CA VAL A 302 15.10 10.76 -9.97
C VAL A 302 14.78 10.46 -11.45
N LYS A 303 13.70 9.75 -11.69
CA LYS A 303 13.27 9.41 -13.05
C LYS A 303 11.76 9.61 -13.15
N VAL A 304 11.32 10.53 -14.01
CA VAL A 304 9.89 10.82 -14.12
C VAL A 304 9.29 9.90 -15.18
N ILE A 305 8.33 9.09 -14.75
CA ILE A 305 7.71 8.07 -15.59
C ILE A 305 6.45 8.63 -16.26
N PRO A 306 6.32 8.44 -17.59
CA PRO A 306 5.08 8.92 -18.23
C PRO A 306 3.84 8.36 -17.55
N ASN A 307 2.76 9.13 -17.53
CA ASN A 307 1.54 8.70 -16.86
C ASN A 307 0.66 7.78 -17.74
N GLU A 308 1.14 6.56 -17.92
CA GLU A 308 0.51 5.57 -18.79
C GLU A 308 0.62 4.21 -18.11
N ARG A 309 -0.38 3.37 -18.34
CA ARG A 309 -0.57 2.12 -17.62
C ARG A 309 0.58 1.13 -17.72
N ASP A 310 0.91 0.73 -18.95
CA ASP A 310 1.96 -0.26 -19.20
C ASP A 310 3.33 0.17 -18.70
N ILE A 311 3.74 1.40 -19.02
CA ILE A 311 5.03 1.91 -18.56
C ILE A 311 5.07 2.04 -17.03
N THR A 312 3.96 2.47 -16.43
CA THR A 312 3.87 2.57 -14.97
C THR A 312 4.05 1.19 -14.32
N ALA A 313 3.39 0.18 -14.87
CA ALA A 313 3.43 -1.17 -14.33
C ALA A 313 4.84 -1.77 -14.43
N ARG A 314 5.57 -1.38 -15.46
CA ARG A 314 6.93 -1.87 -15.67
C ARG A 314 8.00 -1.12 -14.88
N GLU A 315 7.81 0.19 -14.69
CA GLU A 315 8.87 1.08 -14.20
CA GLU A 315 8.89 1.05 -14.19
C GLU A 315 8.72 1.53 -12.75
N LEU A 316 7.48 1.65 -12.28
CA LEU A 316 7.21 2.33 -11.01
C LEU A 316 6.83 1.33 -9.94
N THR A 317 7.73 0.38 -9.70
CA THR A 317 7.47 -0.72 -8.77
C THR A 317 8.75 -1.15 -8.07
N PRO A 318 8.60 -1.81 -6.89
CA PRO A 318 9.76 -2.44 -6.25
C PRO A 318 10.47 -3.45 -7.14
N ALA A 319 9.74 -4.25 -7.92
CA ALA A 319 10.39 -5.21 -8.82
C ALA A 319 11.39 -4.55 -9.75
N LYS A 320 11.05 -3.37 -10.26
CA LYS A 320 11.97 -2.61 -11.10
C LYS A 320 13.12 -1.98 -10.32
N VAL A 321 12.81 -1.36 -9.19
CA VAL A 321 13.77 -0.50 -8.47
C VAL A 321 14.77 -1.25 -7.55
N THR A 322 14.38 -2.42 -7.05
CA THR A 322 15.16 -3.14 -6.03
CA THR A 322 15.16 -3.18 -6.08
C THR A 322 16.63 -3.32 -6.41
N GLY A 323 17.50 -2.89 -5.49
CA GLY A 323 18.94 -3.03 -5.62
C GLY A 323 19.59 -2.01 -6.52
N THR A 324 18.84 -0.97 -6.90
CA THR A 324 19.34 0.09 -7.77
C THR A 324 19.19 1.44 -7.08
N LEU A 325 19.95 2.41 -7.60
CA LEU A 325 19.97 3.76 -7.05
C LEU A 325 18.90 4.67 -7.69
N SER A 326 18.07 4.11 -8.58
CA SER A 326 17.06 4.88 -9.30
C SER A 326 15.87 5.25 -8.41
N VAL A 327 15.33 6.45 -8.59
CA VAL A 327 14.17 6.89 -7.78
C VAL A 327 13.07 7.34 -8.72
N PRO A 328 12.28 6.39 -9.25
CA PRO A 328 11.23 6.78 -10.18
C PRO A 328 10.08 7.46 -9.46
N VAL A 329 9.47 8.43 -10.13
CA VAL A 329 8.24 9.08 -9.65
C VAL A 329 7.32 9.15 -10.84
N GLY A 330 6.04 8.84 -10.60
CA GLY A 330 5.03 8.84 -11.65
C GLY A 330 3.64 9.16 -11.17
N ARG A 331 2.64 8.85 -12.00
CA ARG A 331 1.28 9.25 -11.76
C ARG A 331 1.17 10.76 -11.45
N LEU A 332 2.07 11.57 -11.99
CA LEU A 332 2.08 13.00 -11.72
C LEU A 332 0.98 13.71 -12.48
N ARG A 333 0.07 14.32 -11.74
CA ARG A 333 -1.11 14.93 -12.33
C ARG A 333 -1.81 15.80 -11.31
N LYS A 334 -2.55 16.78 -11.81
CA LYS A 334 -3.42 17.58 -10.94
C LYS A 334 -4.63 16.78 -10.52
N MET A 335 -5.12 17.05 -9.31
CA MET A 335 -6.19 16.29 -8.72
C MET A 335 -7.54 17.02 -8.78
N ALA A 336 -8.60 16.26 -8.52
CA ALA A 336 -9.98 16.75 -8.55
C ALA A 336 -10.20 17.94 -7.62
N MET A 337 -9.44 17.98 -6.52
CA MET A 337 -9.53 19.08 -5.56
C MET A 337 -9.10 20.45 -6.10
N GLY A 338 -8.31 20.47 -7.16
CA GLY A 338 -7.91 21.72 -7.81
C GLY A 338 -6.56 21.69 -8.46
N ASP A 339 -6.24 22.75 -9.19
CA ASP A 339 -4.98 22.79 -9.93
C ASP A 339 -3.77 23.10 -9.05
N ASP A 340 -3.98 23.32 -7.75
CA ASP A 340 -2.87 23.37 -6.80
C ASP A 340 -2.70 22.08 -5.97
N PHE A 341 -3.41 21.01 -6.34
CA PHE A 341 -3.24 19.69 -5.72
C PHE A 341 -2.57 18.76 -6.72
N LEU A 342 -1.41 18.22 -6.34
CA LEU A 342 -0.59 17.34 -7.18
C LEU A 342 -0.53 15.93 -6.59
N ASN A 343 -0.96 14.93 -7.37
CA ASN A 343 -0.76 13.52 -7.05
C ASN A 343 0.64 13.07 -7.51
N ALA A 344 1.30 12.26 -6.70
CA ALA A 344 2.56 11.63 -7.10
C ALA A 344 2.68 10.28 -6.42
N PHE A 345 3.33 9.34 -7.11
CA PHE A 345 3.65 8.04 -6.54
C PHE A 345 5.12 7.77 -6.85
N THR A 346 5.89 7.34 -5.85
CA THR A 346 7.32 7.13 -6.00
C THR A 346 7.78 5.86 -5.30
N VAL A 347 8.87 5.30 -5.80
CA VAL A 347 9.46 4.06 -5.27
C VAL A 347 10.96 4.28 -5.17
N GLY A 348 11.56 3.79 -4.09
CA GLY A 348 13.01 3.88 -3.91
C GLY A 348 13.56 2.75 -3.06
N ASP A 349 14.82 2.40 -3.29
CA ASP A 349 15.49 1.34 -2.54
C ASP A 349 15.85 1.81 -1.14
N GLN A 350 15.38 1.08 -0.14
CA GLN A 350 15.56 1.44 1.26
C GLN A 350 17.02 1.38 1.74
N LEU A 351 17.82 0.46 1.21
CA LEU A 351 19.21 0.25 1.66
C LEU A 351 20.24 1.17 1.01
N LEU A 352 19.90 1.70 -0.15
CA LEU A 352 20.80 2.57 -0.89
C LEU A 352 20.58 4.04 -0.49
N TRP A 353 19.74 4.79 -1.22
CA TRP A 353 19.46 6.18 -0.82
C TRP A 353 18.82 6.25 0.57
N GLY A 354 18.13 5.19 0.97
CA GLY A 354 17.50 5.16 2.28
C GLY A 354 18.40 4.75 3.44
N ALA A 355 19.65 4.40 3.16
CA ALA A 355 20.57 4.02 4.24
C ALA A 355 22.03 4.26 3.91
N ALA A 356 22.61 3.47 3.02
CA ALA A 356 24.07 3.48 2.86
C ALA A 356 24.60 4.66 2.04
N GLU A 357 23.88 5.07 0.99
CA GLU A 357 24.43 6.02 0.04
C GLU A 357 24.79 7.39 0.62
N PRO A 358 23.93 7.97 1.47
CA PRO A 358 24.30 9.25 2.06
C PRO A 358 25.56 9.22 2.92
N LEU A 359 25.88 8.06 3.50
CA LEU A 359 27.05 7.93 4.37
C LEU A 359 28.33 8.03 3.54
N ARG A 360 28.40 7.25 2.47
CA ARG A 360 29.61 7.30 1.64
C ARG A 360 29.78 8.64 0.92
N ARG A 361 28.68 9.25 0.49
CA ARG A 361 28.75 10.56 -0.16
C ARG A 361 29.18 11.66 0.82
N THR A 362 28.72 11.58 2.07
CA THR A 362 29.17 12.53 3.10
C THR A 362 30.67 12.44 3.33
N LEU A 363 31.18 11.21 3.39
CA LEU A 363 32.62 10.97 3.48
C LEU A 363 33.38 11.65 2.33
N ARG A 364 32.91 11.44 1.11
CA ARG A 364 33.56 12.06 -0.07
C ARG A 364 33.53 13.60 -0.05
N ILE A 365 32.44 14.19 0.44
CA ILE A 365 32.34 15.64 0.57
C ILE A 365 33.34 16.15 1.62
N ILE A 366 33.38 15.49 2.78
CA ILE A 366 34.32 15.90 3.82
C ILE A 366 35.76 15.80 3.30
N LEU A 367 36.07 14.70 2.63
CA LEU A 367 37.39 14.51 2.01
C LEU A 367 37.77 15.64 1.09
N ALA A 368 36.82 16.05 0.24
CA ALA A 368 37.10 17.06 -0.77
C ALA A 368 37.23 18.48 -0.20
N GLU A 369 36.84 18.67 1.06
CA GLU A 369 37.01 19.95 1.76
C GLU A 369 38.22 19.89 2.69
N MET B 1 -41.86 -15.25 -5.72
CA MET B 1 -41.10 -14.49 -6.75
C MET B 1 -40.10 -15.41 -7.44
N ARG B 2 -40.11 -15.38 -8.78
CA ARG B 2 -39.19 -16.17 -9.58
C ARG B 2 -37.93 -15.38 -9.88
N VAL B 3 -36.79 -15.91 -9.46
CA VAL B 3 -35.53 -15.17 -9.56
C VAL B 3 -34.50 -15.99 -10.34
N GLY B 4 -33.99 -15.41 -11.43
CA GLY B 4 -32.92 -16.02 -12.21
C GLY B 4 -31.55 -15.68 -11.65
N LEU B 5 -30.68 -16.68 -11.52
CA LEU B 5 -29.30 -16.46 -11.10
C LEU B 5 -28.35 -16.65 -12.28
N VAL B 6 -27.61 -15.60 -12.62
CA VAL B 6 -26.58 -15.66 -13.66
C VAL B 6 -25.22 -15.34 -13.06
N GLY B 7 -24.19 -16.08 -13.46
CA GLY B 7 -22.84 -15.92 -12.92
C GLY B 7 -22.66 -16.47 -11.52
N TRP B 8 -23.57 -17.35 -11.12
CA TRP B 8 -23.56 -17.98 -9.81
C TRP B 8 -22.35 -18.90 -9.60
N ARG B 9 -21.77 -19.41 -10.70
CA ARG B 9 -20.67 -20.39 -10.62
C ARG B 9 -19.30 -19.75 -10.42
N GLY B 10 -19.14 -18.50 -10.84
CA GLY B 10 -17.87 -17.79 -10.69
C GLY B 10 -17.52 -17.45 -9.25
N MET B 11 -16.49 -16.62 -9.08
CA MET B 11 -16.03 -16.28 -7.74
C MET B 11 -17.04 -15.44 -6.97
N VAL B 12 -17.43 -14.32 -7.56
CA VAL B 12 -18.39 -13.41 -6.92
C VAL B 12 -19.70 -14.16 -6.73
N GLY B 13 -20.14 -14.87 -7.76
CA GLY B 13 -21.35 -15.69 -7.67
C GLY B 13 -21.31 -16.73 -6.55
N SER B 14 -20.19 -17.41 -6.40
CA SER B 14 -20.05 -18.42 -5.37
C SER B 14 -20.14 -17.84 -3.95
N VAL B 15 -19.58 -16.64 -3.76
CA VAL B 15 -19.74 -15.92 -2.48
C VAL B 15 -21.22 -15.57 -2.28
N LEU B 16 -21.88 -15.09 -3.34
CA LEU B 16 -23.32 -14.79 -3.26
C LEU B 16 -24.13 -16.05 -2.93
N MET B 17 -23.81 -17.17 -3.55
CA MET B 17 -24.51 -18.43 -3.25
C MET B 17 -24.35 -18.83 -1.78
N GLN B 18 -23.12 -18.73 -1.27
CA GLN B 18 -22.80 -19.04 0.12
C GLN B 18 -23.61 -18.18 1.10
N ARG B 19 -23.71 -16.89 0.80
CA ARG B 19 -24.43 -15.95 1.65
C ARG B 19 -25.95 -16.19 1.59
N MET B 20 -26.46 -16.44 0.39
CA MET B 20 -27.88 -16.75 0.21
C MET B 20 -28.31 -18.01 0.95
N VAL B 21 -27.43 -19.01 1.02
CA VAL B 21 -27.67 -20.19 1.84
C VAL B 21 -27.62 -19.87 3.34
N GLU B 22 -26.60 -19.12 3.76
CA GLU B 22 -26.43 -18.75 5.16
C GLU B 22 -27.62 -17.97 5.71
N GLU B 23 -28.19 -17.10 4.88
CA GLU B 23 -29.32 -16.26 5.27
C GLU B 23 -30.69 -16.84 4.87
N ARG B 24 -30.69 -18.07 4.36
CA ARG B 24 -31.90 -18.74 3.89
C ARG B 24 -32.75 -17.88 2.94
N ASP B 25 -32.06 -17.19 2.03
CA ASP B 25 -32.75 -16.38 1.01
C ASP B 25 -33.52 -17.27 0.05
N PHE B 26 -33.05 -18.50 -0.16
CA PHE B 26 -33.68 -19.42 -1.13
C PHE B 26 -35.06 -19.90 -0.68
N ASP B 27 -35.31 -19.86 0.63
CA ASP B 27 -36.62 -20.19 1.20
C ASP B 27 -37.71 -19.18 0.80
N LEU B 28 -37.31 -18.00 0.33
CA LEU B 28 -38.24 -16.92 0.02
C LEU B 28 -38.47 -16.74 -1.48
N ILE B 29 -37.77 -17.51 -2.30
CA ILE B 29 -37.88 -17.36 -3.75
C ILE B 29 -37.97 -18.68 -4.49
N GLU B 30 -38.27 -18.60 -5.78
CA GLU B 30 -38.14 -19.71 -6.69
C GLU B 30 -36.90 -19.47 -7.55
N PRO B 31 -35.78 -20.15 -7.24
CA PRO B 31 -34.54 -19.90 -7.95
C PRO B 31 -34.51 -20.62 -9.30
N VAL B 32 -34.03 -19.92 -10.33
CA VAL B 32 -33.83 -20.49 -11.65
C VAL B 32 -32.40 -20.24 -12.09
N PHE B 33 -31.60 -21.30 -12.16
CA PHE B 33 -30.18 -21.18 -12.47
C PHE B 33 -29.90 -21.17 -13.97
N PHE B 34 -29.13 -20.18 -14.41
CA PHE B 34 -28.77 -19.99 -15.81
C PHE B 34 -27.28 -20.22 -16.07
N SER B 35 -26.94 -20.44 -17.34
CA SER B 35 -25.56 -20.74 -17.75
C SER B 35 -25.22 -20.22 -19.14
N THR B 36 -23.93 -19.93 -19.34
CA THR B 36 -23.40 -19.47 -20.61
C THR B 36 -22.64 -20.59 -21.34
N SER B 37 -22.42 -21.72 -20.66
CA SER B 37 -21.60 -22.78 -21.23
C SER B 37 -21.98 -24.22 -20.81
N GLN B 38 -23.04 -24.39 -20.02
CA GLN B 38 -23.38 -25.69 -19.45
C GLN B 38 -24.87 -25.98 -19.46
N ILE B 39 -25.58 -25.45 -20.47
CA ILE B 39 -27.03 -25.59 -20.55
C ILE B 39 -27.44 -27.07 -20.51
N GLY B 40 -28.50 -27.38 -19.78
CA GLY B 40 -29.03 -28.74 -19.70
C GLY B 40 -28.49 -29.57 -18.56
N VAL B 41 -27.30 -29.23 -18.07
CA VAL B 41 -26.70 -29.90 -16.91
C VAL B 41 -27.63 -29.66 -15.70
N PRO B 42 -27.68 -30.63 -14.76
CA PRO B 42 -28.42 -30.38 -13.52
C PRO B 42 -27.96 -29.13 -12.77
N ALA B 43 -28.91 -28.32 -12.33
CA ALA B 43 -28.63 -27.10 -11.56
C ALA B 43 -28.07 -27.45 -10.19
N PRO B 44 -27.33 -26.50 -9.55
CA PRO B 44 -26.86 -26.80 -8.21
C PRO B 44 -28.03 -26.97 -7.24
N ASN B 45 -27.83 -27.78 -6.21
CA ASN B 45 -28.85 -28.01 -5.20
C ASN B 45 -28.47 -27.36 -3.88
N PHE B 46 -28.99 -26.16 -3.66
CA PHE B 46 -28.83 -25.47 -2.38
C PHE B 46 -30.10 -25.69 -1.56
N GLY B 47 -30.20 -26.88 -0.98
CA GLY B 47 -31.38 -27.28 -0.21
C GLY B 47 -32.44 -27.94 -1.07
N LYS B 48 -33.06 -27.15 -1.96
CA LYS B 48 -34.16 -27.62 -2.79
C LYS B 48 -33.78 -27.75 -4.27
N ASP B 49 -34.51 -28.61 -4.99
CA ASP B 49 -34.25 -28.88 -6.40
C ASP B 49 -34.74 -27.74 -7.28
N ALA B 50 -33.88 -27.31 -8.22
CA ALA B 50 -34.21 -26.25 -9.17
C ALA B 50 -34.12 -26.72 -10.63
N GLY B 51 -34.05 -28.02 -10.87
CA GLY B 51 -34.05 -28.58 -12.21
C GLY B 51 -32.71 -28.46 -12.92
N MET B 52 -32.76 -28.05 -14.19
CA MET B 52 -31.58 -28.01 -15.06
C MET B 52 -31.15 -26.58 -15.31
N LEU B 53 -29.90 -26.40 -15.73
CA LEU B 53 -29.37 -25.07 -16.06
C LEU B 53 -29.98 -24.57 -17.37
N HIS B 54 -30.50 -23.34 -17.31
CA HIS B 54 -31.20 -22.71 -18.43
CA HIS B 54 -31.18 -22.74 -18.45
C HIS B 54 -30.23 -21.88 -19.26
N ASP B 55 -30.71 -21.38 -20.41
CA ASP B 55 -29.90 -20.59 -21.34
C ASP B 55 -29.93 -19.10 -20.96
N ALA B 56 -28.77 -18.57 -20.59
CA ALA B 56 -28.63 -17.20 -20.10
C ALA B 56 -28.85 -16.12 -21.18
N PHE B 57 -28.77 -16.52 -22.45
CA PHE B 57 -28.99 -15.59 -23.58
C PHE B 57 -30.39 -15.71 -24.19
N ASP B 58 -31.12 -16.77 -23.86
CA ASP B 58 -32.50 -16.92 -24.32
C ASP B 58 -33.41 -15.88 -23.64
N ILE B 59 -33.78 -14.86 -24.41
CA ILE B 59 -34.56 -13.72 -23.90
C ILE B 59 -35.94 -14.15 -23.39
N GLU B 60 -36.57 -15.10 -24.07
CA GLU B 60 -37.94 -15.52 -23.74
C GLU B 60 -38.04 -16.31 -22.43
N SER B 61 -36.98 -17.03 -22.07
CA SER B 61 -36.95 -17.73 -20.78
C SER B 61 -36.68 -16.74 -19.64
N LEU B 62 -35.82 -15.75 -19.88
CA LEU B 62 -35.55 -14.67 -18.92
C LEU B 62 -36.80 -13.81 -18.69
N LYS B 63 -37.63 -13.69 -19.72
CA LYS B 63 -38.85 -12.90 -19.67
C LYS B 63 -39.90 -13.44 -18.68
N GLN B 64 -39.79 -14.72 -18.30
CA GLN B 64 -40.69 -15.35 -17.33
CA GLN B 64 -40.70 -15.33 -17.32
C GLN B 64 -40.24 -15.11 -15.88
N LEU B 65 -39.14 -14.40 -15.69
CA LEU B 65 -38.61 -14.12 -14.36
C LEU B 65 -39.17 -12.82 -13.79
N ASP B 66 -39.40 -12.81 -12.49
CA ASP B 66 -39.75 -11.58 -11.76
C ASP B 66 -38.49 -10.76 -11.48
N ALA B 67 -37.34 -11.43 -11.42
CA ALA B 67 -36.06 -10.75 -11.19
C ALA B 67 -34.87 -11.56 -11.67
N VAL B 68 -33.79 -10.83 -11.99
CA VAL B 68 -32.49 -11.43 -12.33
C VAL B 68 -31.41 -10.86 -11.41
N ILE B 69 -30.65 -11.75 -10.77
CA ILE B 69 -29.42 -11.34 -10.10
C ILE B 69 -28.26 -11.86 -10.95
N THR B 70 -27.43 -10.96 -11.46
CA THR B 70 -26.30 -11.36 -12.30
C THR B 70 -24.92 -10.92 -11.80
N CYS B 71 -24.00 -11.88 -11.71
CA CYS B 71 -22.59 -11.63 -11.44
C CYS B 71 -21.73 -12.05 -12.64
N GLN B 72 -22.32 -12.09 -13.84
CA GLN B 72 -21.66 -12.66 -15.01
C GLN B 72 -20.69 -11.67 -15.65
N GLY B 73 -21.00 -10.38 -15.54
CA GLY B 73 -20.06 -9.34 -15.96
C GLY B 73 -20.62 -8.36 -16.96
N GLY B 74 -19.83 -7.32 -17.24
CA GLY B 74 -20.27 -6.19 -18.05
C GLY B 74 -20.57 -6.51 -19.50
N SER B 75 -19.75 -7.37 -20.10
CA SER B 75 -19.99 -7.77 -21.50
C SER B 75 -21.26 -8.61 -21.61
N TYR B 76 -21.57 -9.42 -20.59
CA TYR B 76 -22.85 -10.15 -20.55
C TYR B 76 -24.04 -9.21 -20.42
N THR B 77 -23.94 -8.24 -19.52
CA THR B 77 -25.00 -7.26 -19.30
C THR B 77 -25.24 -6.45 -20.57
N GLU B 78 -24.15 -6.06 -21.23
CA GLU B 78 -24.21 -5.25 -22.46
C GLU B 78 -25.04 -5.88 -23.58
N LYS B 79 -25.03 -7.20 -23.68
CA LYS B 79 -25.74 -7.91 -24.75
C LYS B 79 -27.17 -8.27 -24.37
N VAL B 80 -27.37 -8.73 -23.13
CA VAL B 80 -28.67 -9.25 -22.70
C VAL B 80 -29.63 -8.19 -22.17
N TYR B 81 -29.11 -7.17 -21.48
CA TYR B 81 -29.96 -6.18 -20.82
C TYR B 81 -30.81 -5.33 -21.77
N PRO B 82 -30.18 -4.68 -22.76
CA PRO B 82 -30.97 -3.84 -23.67
C PRO B 82 -32.04 -4.63 -24.42
N ALA B 83 -31.67 -5.83 -24.87
CA ALA B 83 -32.59 -6.74 -25.56
C ALA B 83 -33.74 -7.18 -24.65
N LEU B 84 -33.42 -7.51 -23.39
CA LEU B 84 -34.44 -7.96 -22.44
C LEU B 84 -35.46 -6.87 -22.12
N ARG B 85 -35.00 -5.63 -21.96
CA ARG B 85 -35.88 -4.51 -21.65
C ARG B 85 -36.79 -4.16 -22.84
N GLN B 86 -36.20 -4.11 -24.03
CA GLN B 86 -36.94 -3.73 -25.23
C GLN B 86 -38.04 -4.74 -25.58
N ALA B 87 -37.84 -5.99 -25.21
CA ALA B 87 -38.88 -7.02 -25.36
C ALA B 87 -39.96 -6.91 -24.27
N GLY B 88 -39.99 -5.80 -23.54
CA GLY B 88 -41.07 -5.49 -22.61
C GLY B 88 -40.94 -6.04 -21.20
N TRP B 89 -39.77 -6.63 -20.86
CA TRP B 89 -39.56 -7.18 -19.51
C TRP B 89 -39.44 -6.05 -18.51
N LYS B 90 -40.24 -6.11 -17.45
CA LYS B 90 -40.28 -5.06 -16.42
C LYS B 90 -39.88 -5.61 -15.05
N GLY B 91 -39.12 -6.70 -15.04
CA GLY B 91 -38.67 -7.32 -13.80
C GLY B 91 -37.48 -6.55 -13.22
N TYR B 92 -36.98 -7.03 -12.08
CA TYR B 92 -35.87 -6.37 -11.40
C TYR B 92 -34.53 -6.92 -11.86
N TRP B 93 -33.70 -6.05 -12.41
CA TRP B 93 -32.33 -6.38 -12.82
C TRP B 93 -31.36 -5.95 -11.72
N ILE B 94 -30.81 -6.94 -11.02
CA ILE B 94 -29.87 -6.72 -9.93
C ILE B 94 -28.48 -7.19 -10.38
N ASP B 95 -27.54 -6.27 -10.49
CA ASP B 95 -26.29 -6.48 -11.24
C ASP B 95 -25.05 -6.00 -10.45
N ALA B 96 -23.99 -6.80 -10.46
CA ALA B 96 -22.70 -6.36 -9.87
C ALA B 96 -21.83 -5.55 -10.85
N ALA B 97 -22.12 -5.67 -12.15
CA ALA B 97 -21.30 -5.06 -13.19
C ALA B 97 -21.37 -3.54 -13.21
N SER B 98 -20.32 -2.91 -13.76
CA SER B 98 -20.25 -1.45 -13.87
C SER B 98 -21.16 -0.86 -14.94
N THR B 99 -21.52 -1.66 -15.94
CA THR B 99 -22.17 -1.17 -17.17
C THR B 99 -23.26 -0.12 -16.92
N LEU B 100 -24.20 -0.42 -16.03
CA LEU B 100 -25.39 0.40 -15.83
C LEU B 100 -25.34 1.33 -14.61
N ARG B 101 -24.22 1.38 -13.90
CA ARG B 101 -24.12 2.21 -12.69
C ARG B 101 -24.50 3.67 -12.91
N MET B 102 -24.03 4.26 -14.01
CA MET B 102 -24.25 5.69 -14.26
C MET B 102 -25.40 5.96 -15.24
N ASP B 103 -26.22 4.95 -15.51
CA ASP B 103 -27.44 5.14 -16.29
C ASP B 103 -28.48 5.86 -15.45
N LYS B 104 -29.12 6.88 -16.04
CA LYS B 104 -30.19 7.64 -15.39
C LYS B 104 -31.30 6.74 -14.84
N GLU B 105 -31.55 5.62 -15.51
CA GLU B 105 -32.60 4.67 -15.10
C GLU B 105 -32.22 3.78 -13.90
N ALA B 106 -30.96 3.81 -13.47
CA ALA B 106 -30.47 2.84 -12.49
C ALA B 106 -30.07 3.49 -11.17
N ILE B 107 -30.31 2.77 -10.07
CA ILE B 107 -29.87 3.20 -8.75
C ILE B 107 -28.68 2.33 -8.33
N ILE B 108 -27.64 2.98 -7.78
CA ILE B 108 -26.52 2.25 -7.20
C ILE B 108 -26.92 1.87 -5.78
N THR B 109 -26.90 0.57 -5.49
CA THR B 109 -27.45 0.03 -4.24
C THR B 109 -26.35 -0.16 -3.19
N LEU B 110 -26.45 0.59 -2.10
CA LEU B 110 -25.61 0.36 -0.91
C LEU B 110 -26.43 0.72 0.33
N ASP B 111 -27.35 -0.17 0.69
CA ASP B 111 -28.51 0.24 1.50
C ASP B 111 -28.22 0.77 2.91
N PRO B 112 -27.13 0.30 3.57
CA PRO B 112 -26.81 0.97 4.85
C PRO B 112 -26.53 2.47 4.68
N VAL B 113 -26.13 2.86 3.47
CA VAL B 113 -25.87 4.27 3.17
C VAL B 113 -27.07 4.94 2.50
N ASN B 114 -27.74 4.26 1.56
CA ASN B 114 -28.77 4.93 0.75
C ASN B 114 -30.11 4.18 0.63
N LEU B 115 -30.56 3.56 1.71
CA LEU B 115 -31.83 2.83 1.73
C LEU B 115 -33.01 3.70 1.27
N LYS B 116 -33.04 4.95 1.73
CA LYS B 116 -34.11 5.86 1.35
C LYS B 116 -34.16 6.07 -0.16
N GLN B 117 -33.00 6.25 -0.78
CA GLN B 117 -32.90 6.40 -2.23
C GLN B 117 -33.41 5.14 -2.94
N ILE B 118 -33.07 3.98 -2.40
CA ILE B 118 -33.51 2.69 -2.97
C ILE B 118 -35.03 2.52 -2.91
N LEU B 119 -35.63 2.77 -1.76
CA LEU B 119 -37.08 2.61 -1.59
C LEU B 119 -37.87 3.60 -2.43
N HIS B 120 -37.47 4.88 -2.44
CA HIS B 120 -38.09 5.88 -3.32
C HIS B 120 -38.09 5.37 -4.77
N GLY B 121 -36.96 4.81 -5.20
CA GLY B 121 -36.85 4.19 -6.52
C GLY B 121 -37.82 3.04 -6.75
N ILE B 122 -37.88 2.11 -5.79
CA ILE B 122 -38.78 0.94 -5.89
C ILE B 122 -40.24 1.40 -5.99
N HIS B 123 -40.60 2.42 -5.20
CA HIS B 123 -41.97 2.91 -5.16
C HIS B 123 -42.37 3.71 -6.39
N HIS B 124 -41.38 4.24 -7.11
CA HIS B 124 -41.64 5.06 -8.29
C HIS B 124 -41.17 4.37 -9.59
N GLY B 125 -41.16 3.04 -9.58
CA GLY B 125 -40.98 2.26 -10.80
C GLY B 125 -39.56 2.05 -11.31
N THR B 126 -38.55 2.24 -10.45
CA THR B 126 -37.18 1.88 -10.82
C THR B 126 -37.03 0.36 -10.74
N LYS B 127 -36.48 -0.24 -11.79
CA LYS B 127 -36.32 -1.70 -11.87
C LYS B 127 -34.87 -2.17 -12.10
N THR B 128 -33.92 -1.23 -12.06
CA THR B 128 -32.51 -1.55 -12.24
C THR B 128 -31.70 -1.08 -11.03
N PHE B 129 -31.07 -2.03 -10.33
CA PHE B 129 -30.27 -1.77 -9.14
C PHE B 129 -28.89 -2.39 -9.30
N VAL B 130 -27.85 -1.57 -9.18
CA VAL B 130 -26.49 -1.98 -9.52
C VAL B 130 -25.55 -1.77 -8.35
N GLY B 131 -24.80 -2.80 -7.97
CA GLY B 131 -23.76 -2.65 -6.96
C GLY B 131 -22.70 -1.65 -7.40
N GLY B 132 -22.17 -0.88 -6.46
CA GLY B 132 -21.13 0.10 -6.77
C GLY B 132 -19.76 -0.56 -6.88
N ASN B 133 -18.76 0.21 -7.27
CA ASN B 133 -17.40 -0.32 -7.32
C ASN B 133 -16.98 -0.75 -5.91
N CYS B 134 -16.12 -1.76 -5.84
CA CYS B 134 -15.71 -2.31 -4.54
C CYS B 134 -15.11 -1.24 -3.63
N THR B 135 -14.23 -0.40 -4.17
CA THR B 135 -13.58 0.65 -3.36
C THR B 135 -14.55 1.70 -2.84
N VAL B 136 -15.52 2.08 -3.67
CA VAL B 136 -16.53 3.07 -3.27
C VAL B 136 -17.44 2.53 -2.16
N SER B 137 -17.91 1.31 -2.33
CA SER B 137 -18.77 0.67 -1.37
C SER B 137 -18.06 0.58 -0.02
N LEU B 138 -16.80 0.15 -0.04
CA LEU B 138 -16.07 -0.07 1.19
C LEU B 138 -15.73 1.23 1.94
N MET B 139 -15.45 2.28 1.18
CA MET B 139 -15.16 3.59 1.74
C MET B 139 -16.41 4.19 2.41
N LEU B 140 -17.55 4.09 1.75
CA LEU B 140 -18.80 4.64 2.31
C LEU B 140 -19.35 3.83 3.49
N MET B 141 -19.12 2.52 3.51
CA MET B 141 -19.42 1.73 4.70
C MET B 141 -18.59 2.20 5.91
N ALA B 142 -17.37 2.63 5.65
CA ALA B 142 -16.50 3.17 6.70
C ALA B 142 -16.90 4.59 7.10
N LEU B 143 -17.10 5.47 6.12
CA LEU B 143 -17.23 6.91 6.40
C LEU B 143 -18.63 7.50 6.17
N GLY B 144 -19.62 6.63 6.02
CA GLY B 144 -21.00 7.06 5.83
C GLY B 144 -21.48 8.09 6.83
N GLY B 145 -21.02 7.96 8.08
CA GLY B 145 -21.41 8.89 9.14
C GLY B 145 -21.01 10.33 8.89
N LEU B 146 -19.85 10.53 8.26
CA LEU B 146 -19.35 11.85 7.93
C LEU B 146 -19.99 12.40 6.66
N TYR B 147 -20.13 11.54 5.64
CA TYR B 147 -20.73 11.95 4.37
C TYR B 147 -22.20 12.31 4.49
N GLU B 148 -22.97 11.52 5.23
CA GLU B 148 -24.41 11.81 5.38
C GLU B 148 -24.69 13.13 6.10
N ARG B 149 -23.76 13.61 6.92
CA ARG B 149 -23.85 14.91 7.59
C ARG B 149 -23.24 16.09 6.81
N GLY B 150 -22.76 15.85 5.60
CA GLY B 150 -22.18 16.91 4.77
C GLY B 150 -20.90 17.51 5.32
N LEU B 151 -20.14 16.72 6.07
CA LEU B 151 -18.94 17.24 6.73
C LEU B 151 -17.67 17.15 5.87
N VAL B 152 -17.72 16.43 4.75
CA VAL B 152 -16.52 16.21 3.94
C VAL B 152 -16.41 17.26 2.85
N GLU B 153 -15.35 18.05 2.90
CA GLU B 153 -15.09 19.03 1.85
C GLU B 153 -14.46 18.33 0.63
N TRP B 154 -13.48 17.49 0.88
CA TRP B 154 -12.88 16.63 -0.16
C TRP B 154 -12.17 15.50 0.55
N MET B 155 -11.78 14.49 -0.22
CA MET B 155 -11.04 13.35 0.32
C MET B 155 -10.04 12.84 -0.70
N SER B 156 -8.82 12.58 -0.24
CA SER B 156 -7.80 11.92 -1.05
CA SER B 156 -7.83 11.91 -1.07
C SER B 156 -7.66 10.48 -0.53
N ALA B 157 -7.73 9.52 -1.45
CA ALA B 157 -7.71 8.10 -1.10
C ALA B 157 -6.54 7.38 -1.79
N MET B 158 -5.63 6.84 -1.01
CA MET B 158 -4.55 6.01 -1.55
C MET B 158 -4.85 4.59 -1.13
N THR B 159 -4.98 3.70 -2.10
CA THR B 159 -5.55 2.39 -1.83
C THR B 159 -4.49 1.29 -1.86
N TYR B 160 -4.85 0.19 -1.21
CA TYR B 160 -4.04 -1.01 -1.10
C TYR B 160 -4.99 -2.15 -1.49
N GLN B 161 -5.11 -2.39 -2.79
CA GLN B 161 -6.15 -3.29 -3.30
C GLN B 161 -5.70 -4.73 -3.53
N ALA B 162 -6.55 -5.65 -3.08
CA ALA B 162 -6.32 -7.09 -3.18
C ALA B 162 -6.45 -7.68 -4.58
N ALA B 163 -5.81 -8.84 -4.75
CA ALA B 163 -5.84 -9.61 -6.00
C ALA B 163 -7.24 -10.01 -6.47
N SER B 164 -8.13 -10.32 -5.53
CA SER B 164 -9.50 -10.73 -5.88
C SER B 164 -10.22 -9.72 -6.76
N GLY B 165 -9.88 -8.44 -6.61
CA GLY B 165 -10.46 -7.39 -7.43
C GLY B 165 -10.20 -7.56 -8.92
N ALA B 166 -9.07 -8.18 -9.25
CA ALA B 166 -8.72 -8.47 -10.65
C ALA B 166 -9.28 -9.83 -11.12
N GLY B 167 -9.61 -10.73 -10.21
CA GLY B 167 -10.24 -12.00 -10.58
C GLY B 167 -9.63 -13.18 -9.88
N ALA B 168 -10.31 -14.34 -9.95
CA ALA B 168 -9.84 -15.56 -9.31
C ALA B 168 -8.48 -16.03 -9.82
N GLN B 169 -8.26 -15.91 -11.12
CA GLN B 169 -6.97 -16.31 -11.69
C GLN B 169 -5.86 -15.43 -11.14
N ASN B 170 -6.17 -14.18 -10.87
CA ASN B 170 -5.17 -13.26 -10.31
C ASN B 170 -4.83 -13.63 -8.87
N MET B 171 -5.83 -14.09 -8.10
CA MET B 171 -5.55 -14.54 -6.73
C MET B 171 -4.65 -15.77 -6.75
N ARG B 172 -4.99 -16.73 -7.60
CA ARG B 172 -4.14 -17.91 -7.77
C ARG B 172 -2.72 -17.50 -8.14
N GLU B 173 -2.59 -16.58 -9.09
CA GLU B 173 -1.27 -16.15 -9.54
C GLU B 173 -0.48 -15.50 -8.41
N LEU B 174 -1.16 -14.75 -7.53
CA LEU B 174 -0.47 -14.14 -6.38
C LEU B 174 0.14 -15.21 -5.50
N ILE B 175 -0.65 -16.24 -5.20
CA ILE B 175 -0.18 -17.33 -4.36
C ILE B 175 0.94 -18.13 -5.05
N SER B 176 0.82 -18.32 -6.37
CA SER B 176 1.87 -19.00 -7.14
C SER B 176 3.19 -18.25 -7.07
N GLN B 177 3.10 -16.94 -7.29
CA GLN B 177 4.28 -16.08 -7.19
C GLN B 177 4.95 -16.16 -5.83
N MET B 178 4.15 -16.15 -4.76
CA MET B 178 4.68 -16.35 -3.40
C MET B 178 5.50 -17.64 -3.25
N GLY B 179 4.98 -18.73 -3.80
CA GLY B 179 5.69 -20.01 -3.77
C GLY B 179 6.98 -20.01 -4.58
N VAL B 180 6.95 -19.42 -5.76
CA VAL B 180 8.12 -19.35 -6.62
C VAL B 180 9.22 -18.55 -5.92
N ILE B 181 8.84 -17.46 -5.25
CA ILE B 181 9.80 -16.66 -4.48
C ILE B 181 10.44 -17.49 -3.36
N ASN B 182 9.63 -18.14 -2.54
CA ASN B 182 10.16 -18.91 -1.43
C ASN B 182 11.05 -20.08 -1.89
N ASP B 183 10.59 -20.78 -2.92
CA ASP B 183 11.30 -21.91 -3.53
C ASP B 183 12.73 -21.54 -3.90
N ALA B 184 12.91 -20.33 -4.42
CA ALA B 184 14.22 -19.90 -4.89
C ALA B 184 15.24 -19.78 -3.77
N VAL B 185 14.79 -19.61 -2.54
CA VAL B 185 15.71 -19.39 -1.43
C VAL B 185 15.45 -20.25 -0.20
N SER B 186 14.63 -21.30 -0.33
CA SER B 186 14.18 -22.01 0.87
C SER B 186 15.33 -22.67 1.63
N SER B 187 16.32 -23.17 0.90
CA SER B 187 17.53 -23.72 1.54
C SER B 187 18.30 -22.69 2.34
N GLU B 188 18.52 -21.51 1.74
CA GLU B 188 19.27 -20.44 2.42
C GLU B 188 18.50 -19.98 3.64
N LEU B 189 17.17 -19.91 3.53
CA LEU B 189 16.35 -19.50 4.67
C LEU B 189 16.45 -20.47 5.83
N ALA B 190 16.56 -21.76 5.53
CA ALA B 190 16.70 -22.79 6.56
C ALA B 190 18.05 -22.73 7.26
N ASN B 191 19.05 -22.13 6.63
CA ASN B 191 20.38 -21.96 7.23
C ASN B 191 20.50 -20.60 7.91
N PRO B 192 20.51 -20.57 9.25
CA PRO B 192 20.50 -19.29 9.96
C PRO B 192 21.75 -18.42 9.71
N ALA B 193 22.83 -19.02 9.21
CA ALA B 193 24.07 -18.32 8.92
C ALA B 193 24.16 -17.72 7.50
N SER B 194 23.16 -17.95 6.66
CA SER B 194 23.17 -17.43 5.28
C SER B 194 23.14 -15.91 5.22
N SER B 195 23.63 -15.38 4.10
CA SER B 195 23.69 -13.94 3.83
C SER B 195 22.34 -13.39 3.37
N ILE B 196 21.86 -12.35 4.06
CA ILE B 196 20.59 -11.72 3.66
C ILE B 196 20.71 -11.09 2.28
N LEU B 197 21.85 -10.51 1.95
CA LEU B 197 22.01 -9.90 0.61
C LEU B 197 21.99 -10.95 -0.51
N ASP B 198 22.51 -12.14 -0.23
CA ASP B 198 22.44 -13.23 -1.18
C ASP B 198 21.00 -13.68 -1.40
N ILE B 199 20.26 -13.82 -0.30
CA ILE B 199 18.84 -14.17 -0.38
C ILE B 199 18.10 -13.11 -1.18
N ASP B 200 18.36 -11.85 -0.86
CA ASP B 200 17.69 -10.73 -1.55
C ASP B 200 18.00 -10.72 -3.05
N LYS B 201 19.27 -10.93 -3.40
CA LYS B 201 19.67 -10.99 -4.80
C LYS B 201 18.91 -12.08 -5.56
N LYS B 202 18.79 -13.27 -4.95
CA LYS B 202 18.08 -14.39 -5.58
C LYS B 202 16.58 -14.14 -5.73
N VAL B 203 15.98 -13.52 -4.73
CA VAL B 203 14.58 -13.17 -4.80
C VAL B 203 14.34 -12.21 -5.96
N ALA B 204 15.17 -11.18 -6.09
CA ALA B 204 15.00 -10.21 -7.18
C ALA B 204 15.17 -10.86 -8.55
N GLU B 205 16.19 -11.71 -8.69
CA GLU B 205 16.44 -12.43 -9.95
C GLU B 205 15.25 -13.29 -10.33
N THR B 206 14.67 -13.97 -9.34
CA THR B 206 13.52 -14.83 -9.54
C THR B 206 12.30 -14.04 -9.99
N MET B 207 12.05 -12.92 -9.32
CA MET B 207 10.89 -12.08 -9.68
C MET B 207 11.03 -11.47 -11.08
N ARG B 208 12.26 -11.25 -11.54
CA ARG B 208 12.52 -10.64 -12.84
C ARG B 208 12.66 -11.65 -13.97
N SER B 209 12.76 -12.92 -13.62
CA SER B 209 12.99 -13.96 -14.62
CA SER B 209 12.99 -13.98 -14.61
C SER B 209 11.77 -14.15 -15.51
N GLY B 210 12.00 -14.54 -16.76
CA GLY B 210 10.92 -14.84 -17.69
C GLY B 210 9.98 -15.90 -17.15
N SER B 211 10.52 -16.83 -16.37
CA SER B 211 9.75 -17.93 -15.79
C SER B 211 8.81 -17.53 -14.65
N PHE B 212 8.99 -16.34 -14.09
CA PHE B 212 8.08 -15.89 -13.03
C PHE B 212 6.66 -15.85 -13.57
N PRO B 213 5.69 -16.45 -12.85
CA PRO B 213 4.34 -16.46 -13.41
C PRO B 213 3.60 -15.10 -13.34
N THR B 214 3.60 -14.37 -14.46
CA THR B 214 3.00 -13.03 -14.53
C THR B 214 1.99 -12.85 -15.67
N ASP B 215 1.37 -13.93 -16.15
CA ASP B 215 0.43 -13.83 -17.27
C ASP B 215 -0.78 -12.94 -16.95
N ASN B 216 -1.30 -13.03 -15.72
CA ASN B 216 -2.53 -12.32 -15.37
C ASN B 216 -2.29 -10.88 -14.95
N PHE B 217 -1.27 -10.64 -14.13
CA PHE B 217 -0.94 -9.27 -13.74
C PHE B 217 -0.08 -8.52 -14.76
N GLY B 218 0.74 -9.24 -15.51
CA GLY B 218 1.66 -8.65 -16.47
C GLY B 218 3.05 -8.41 -15.92
N VAL B 219 3.12 -8.23 -14.59
CA VAL B 219 4.35 -7.97 -13.86
C VAL B 219 4.23 -8.65 -12.50
N PRO B 220 5.33 -8.69 -11.72
CA PRO B 220 5.18 -9.31 -10.39
C PRO B 220 4.20 -8.56 -9.49
N LEU B 221 3.50 -9.29 -8.61
CA LEU B 221 2.72 -8.67 -7.53
C LEU B 221 3.28 -9.09 -6.18
N ALA B 222 3.46 -10.39 -5.95
CA ALA B 222 4.19 -10.82 -4.75
C ALA B 222 5.56 -10.15 -4.71
N GLY B 223 5.89 -9.55 -3.56
CA GLY B 223 7.12 -8.80 -3.38
C GLY B 223 7.14 -7.41 -3.99
N SER B 224 6.01 -6.97 -4.52
CA SER B 224 5.96 -5.72 -5.27
C SER B 224 4.60 -5.05 -5.09
N LEU B 225 4.27 -4.15 -6.01
CA LEU B 225 2.95 -3.52 -6.05
C LEU B 225 2.82 -2.92 -7.44
N ILE B 226 1.60 -2.52 -7.81
CA ILE B 226 1.31 -2.03 -9.16
C ILE B 226 0.39 -0.81 -9.02
N PRO B 227 0.95 0.41 -9.16
CA PRO B 227 0.19 1.65 -8.96
C PRO B 227 -0.60 2.11 -10.19
N TRP B 228 -1.30 1.16 -10.81
CA TRP B 228 -2.25 1.46 -11.86
C TRP B 228 -3.24 0.32 -11.94
N ILE B 229 -4.52 0.64 -11.80
CA ILE B 229 -5.61 -0.32 -11.96
C ILE B 229 -6.60 0.18 -13.00
N ASP B 230 -6.90 -0.67 -13.99
CA ASP B 230 -7.89 -0.39 -15.05
C ASP B 230 -7.36 0.62 -16.09
N VAL B 231 -8.18 0.95 -17.08
CA VAL B 231 -7.73 1.77 -18.23
C VAL B 231 -7.49 3.24 -17.89
N LYS B 232 -6.67 3.88 -18.71
CA LYS B 232 -6.38 5.29 -18.57
C LYS B 232 -7.52 6.16 -19.05
N ARG B 233 -7.71 7.31 -18.39
CA ARG B 233 -8.65 8.34 -18.85
C ARG B 233 -7.89 9.61 -19.19
N ASP B 234 -8.50 10.53 -19.94
CA ASP B 234 -7.77 11.64 -20.55
C ASP B 234 -7.10 12.61 -19.58
N ASN B 235 -7.69 12.77 -18.38
CA ASN B 235 -7.15 13.68 -17.37
C ASN B 235 -6.03 13.07 -16.51
N GLY B 236 -5.66 11.83 -16.80
CA GLY B 236 -4.53 11.18 -16.13
C GLY B 236 -4.93 10.19 -15.05
N GLN B 237 -6.20 10.19 -14.66
CA GLN B 237 -6.73 9.17 -13.76
C GLN B 237 -6.80 7.84 -14.46
N SER B 238 -6.67 6.77 -13.70
CA SER B 238 -7.17 5.48 -14.16
C SER B 238 -8.67 5.47 -13.95
N LYS B 239 -9.35 4.55 -14.64
CA LYS B 239 -10.79 4.39 -14.49
C LYS B 239 -11.16 4.02 -13.05
N GLU B 240 -10.30 3.24 -12.39
CA GLU B 240 -10.52 2.88 -10.99
C GLU B 240 -10.57 4.10 -10.08
N GLU B 241 -9.69 5.08 -10.34
CA GLU B 241 -9.60 6.27 -9.50
C GLU B 241 -10.80 7.19 -9.78
N TRP B 242 -11.20 7.27 -11.04
CA TRP B 242 -12.35 8.08 -11.46
C TRP B 242 -13.69 7.55 -10.90
N LYS B 243 -13.86 6.23 -10.82
CA LYS B 243 -15.11 5.64 -10.34
C LYS B 243 -15.57 6.19 -8.99
N ALA B 244 -14.62 6.41 -8.08
CA ALA B 244 -14.93 6.86 -6.71
C ALA B 244 -15.79 8.10 -6.67
N GLY B 245 -15.33 9.16 -7.33
CA GLY B 245 -16.00 10.46 -7.31
C GLY B 245 -17.39 10.40 -7.91
N VAL B 246 -17.53 9.78 -9.09
CA VAL B 246 -18.83 9.72 -9.74
C VAL B 246 -19.83 8.79 -9.01
N GLU B 247 -19.37 7.63 -8.56
CA GLU B 247 -20.29 6.68 -7.92
C GLU B 247 -20.74 7.12 -6.53
N ALA B 248 -19.81 7.60 -5.71
CA ALA B 248 -20.12 8.02 -4.34
C ALA B 248 -21.14 9.18 -4.33
N ASN B 249 -20.88 10.17 -5.17
CA ASN B 249 -21.79 11.30 -5.27
C ASN B 249 -23.17 10.92 -5.79
N LYS B 250 -23.26 9.96 -6.72
CA LYS B 250 -24.56 9.42 -7.12
C LYS B 250 -25.25 8.70 -5.94
N ILE B 251 -24.52 7.83 -5.26
CA ILE B 251 -25.09 7.10 -4.09
C ILE B 251 -25.62 8.10 -3.06
N LEU B 252 -24.87 9.18 -2.83
CA LEU B 252 -25.22 10.18 -1.83
C LEU B 252 -26.21 11.24 -2.33
N GLY B 253 -26.57 11.19 -3.62
CA GLY B 253 -27.48 12.17 -4.19
C GLY B 253 -26.90 13.56 -4.26
N LEU B 254 -25.59 13.66 -4.47
CA LEU B 254 -24.89 14.94 -4.46
C LEU B 254 -24.42 15.42 -5.84
N GLN B 255 -25.08 14.95 -6.91
CA GLN B 255 -24.62 15.30 -8.26
C GLN B 255 -24.64 16.81 -8.52
N ASP B 256 -25.53 17.55 -7.85
CA ASP B 256 -25.60 19.01 -8.01
C ASP B 256 -24.48 19.77 -7.30
N SER B 257 -23.82 19.14 -6.33
CA SER B 257 -22.67 19.74 -5.65
C SER B 257 -21.75 18.64 -5.09
N PRO B 258 -21.03 17.93 -5.99
CA PRO B 258 -20.32 16.73 -5.56
C PRO B 258 -19.07 16.99 -4.71
N VAL B 259 -18.74 16.03 -3.86
CA VAL B 259 -17.52 16.11 -3.08
C VAL B 259 -16.37 15.64 -3.97
N PRO B 260 -15.29 16.43 -4.08
CA PRO B 260 -14.16 15.93 -4.87
C PRO B 260 -13.48 14.78 -4.16
N ILE B 261 -13.37 13.64 -4.85
CA ILE B 261 -12.66 12.48 -4.33
C ILE B 261 -11.61 12.07 -5.38
N ASP B 262 -10.35 11.88 -4.97
CA ASP B 262 -9.30 11.49 -5.91
C ASP B 262 -8.21 10.79 -5.15
N GLY B 263 -7.25 10.24 -5.88
CA GLY B 263 -6.12 9.55 -5.27
C GLY B 263 -5.50 8.57 -6.24
N THR B 264 -4.66 7.70 -5.70
CA THR B 264 -4.02 6.67 -6.50
C THR B 264 -4.46 5.28 -6.03
N CYS B 265 -4.93 4.47 -6.96
CA CYS B 265 -5.32 3.09 -6.67
C CYS B 265 -4.17 2.12 -6.98
N VAL B 266 -3.76 1.34 -6.00
CA VAL B 266 -2.54 0.52 -6.06
C VAL B 266 -2.92 -0.91 -5.72
N ARG B 267 -2.50 -1.87 -6.56
CA ARG B 267 -2.67 -3.28 -6.29
C ARG B 267 -1.52 -3.74 -5.41
N ILE B 268 -1.86 -4.42 -4.31
CA ILE B 268 -0.85 -5.04 -3.45
C ILE B 268 -1.14 -6.52 -3.29
N GLY B 269 -0.22 -7.24 -2.63
CA GLY B 269 -0.31 -8.70 -2.54
C GLY B 269 -1.17 -9.18 -1.39
N ALA B 270 -2.41 -8.70 -1.33
CA ALA B 270 -3.41 -9.19 -0.39
C ALA B 270 -4.41 -10.06 -1.16
N MET B 271 -5.07 -10.98 -0.46
CA MET B 271 -5.96 -11.94 -1.14
C MET B 271 -7.29 -11.34 -1.57
N ARG B 272 -8.08 -10.87 -0.61
CA ARG B 272 -9.43 -10.39 -0.93
C ARG B 272 -9.98 -9.21 -0.11
N CYS B 273 -9.12 -8.47 0.60
CA CYS B 273 -9.52 -7.25 1.32
C CYS B 273 -8.81 -6.05 0.74
N HIS B 274 -9.56 -4.99 0.47
CA HIS B 274 -9.00 -3.70 0.09
C HIS B 274 -8.82 -2.87 1.34
N SER B 275 -7.70 -2.16 1.40
CA SER B 275 -7.48 -1.19 2.45
C SER B 275 -7.32 0.21 1.81
N GLN B 276 -7.69 1.25 2.55
CA GLN B 276 -7.61 2.63 2.04
C GLN B 276 -7.07 3.59 3.10
N ALA B 277 -6.09 4.40 2.71
CA ALA B 277 -5.48 5.41 3.58
C ALA B 277 -6.00 6.76 3.12
N LEU B 278 -6.79 7.41 3.99
CA LEU B 278 -7.61 8.56 3.60
C LEU B 278 -7.16 9.85 4.27
N THR B 279 -7.04 10.91 3.47
CA THR B 279 -6.81 12.25 3.98
C THR B 279 -8.16 12.93 3.77
N ILE B 280 -8.87 13.20 4.86
CA ILE B 280 -10.26 13.67 4.80
C ILE B 280 -10.28 15.13 5.25
N LYS B 281 -10.62 16.03 4.35
CA LYS B 281 -10.76 17.44 4.68
C LYS B 281 -12.19 17.69 5.17
N LEU B 282 -12.29 18.12 6.43
CA LEU B 282 -13.56 18.43 7.07
C LEU B 282 -13.90 19.90 6.90
N LYS B 283 -15.19 20.19 6.83
CA LYS B 283 -15.68 21.57 6.69
C LYS B 283 -15.59 22.36 7.99
N GLN B 284 -15.53 21.64 9.11
CA GLN B 284 -15.50 22.24 10.44
C GLN B 284 -14.52 21.44 11.30
N ASN B 285 -13.89 22.10 12.26
CA ASN B 285 -13.08 21.43 13.28
C ASN B 285 -13.94 20.78 14.37
N ILE B 286 -14.41 19.57 14.08
CA ILE B 286 -15.19 18.75 15.02
C ILE B 286 -14.25 17.97 15.96
N PRO B 287 -14.60 17.88 17.25
CA PRO B 287 -13.78 17.12 18.20
C PRO B 287 -13.64 15.65 17.79
N LEU B 288 -12.45 15.09 17.95
CA LEU B 288 -12.16 13.74 17.49
C LEU B 288 -13.14 12.71 18.05
N ASP B 289 -13.44 12.79 19.34
CA ASP B 289 -14.35 11.80 19.93
C ASP B 289 -15.76 11.84 19.31
N GLU B 290 -16.22 13.01 18.88
CA GLU B 290 -17.53 13.09 18.21
C GLU B 290 -17.45 12.53 16.79
N ILE B 291 -16.33 12.80 16.11
CA ILE B 291 -16.07 12.18 14.81
C ILE B 291 -16.21 10.65 14.92
N GLU B 292 -15.51 10.07 15.88
CA GLU B 292 -15.56 8.63 16.10
C GLU B 292 -16.99 8.15 16.34
N GLU B 293 -17.75 8.91 17.13
CA GLU B 293 -19.14 8.57 17.38
C GLU B 293 -19.99 8.59 16.09
N MET B 294 -19.85 9.64 15.29
CA MET B 294 -20.56 9.73 13.99
C MET B 294 -20.25 8.54 13.09
N ILE B 295 -18.98 8.18 13.04
CA ILE B 295 -18.53 7.06 12.23
C ILE B 295 -19.17 5.76 12.73
N ALA B 296 -18.97 5.48 14.02
CA ALA B 296 -19.44 4.22 14.60
C ALA B 296 -20.96 4.01 14.56
N THR B 297 -21.75 5.07 14.73
CA THR B 297 -23.21 4.93 14.78
C THR B 297 -23.90 4.83 13.41
N HIS B 298 -23.15 4.93 12.33
CA HIS B 298 -23.77 4.98 11.01
C HIS B 298 -24.41 3.67 10.57
N ASN B 299 -23.75 2.54 10.84
CA ASN B 299 -24.26 1.24 10.43
C ASN B 299 -23.72 0.13 11.33
N ASP B 300 -24.27 -1.06 11.17
CA ASP B 300 -23.97 -2.19 12.05
C ASP B 300 -22.61 -2.85 11.82
N TRP B 301 -21.95 -2.54 10.72
CA TRP B 301 -20.73 -3.28 10.30
C TRP B 301 -19.44 -2.52 10.46
N VAL B 302 -19.51 -1.19 10.33
CA VAL B 302 -18.39 -0.33 10.66
C VAL B 302 -17.97 -0.52 12.13
N LYS B 303 -16.67 -0.47 12.37
CA LYS B 303 -16.10 -0.60 13.71
C LYS B 303 -14.97 0.41 13.84
N VAL B 304 -14.97 1.21 14.91
CA VAL B 304 -13.80 2.05 15.22
C VAL B 304 -12.74 1.29 16.02
N ILE B 305 -11.54 1.19 15.46
CA ILE B 305 -10.42 0.58 16.15
C ILE B 305 -9.63 1.66 16.87
N PRO B 306 -9.47 1.52 18.20
CA PRO B 306 -8.71 2.54 18.95
C PRO B 306 -7.33 2.77 18.37
N ASN B 307 -6.89 4.02 18.41
CA ASN B 307 -5.63 4.41 17.82
C ASN B 307 -4.44 4.04 18.72
N GLU B 308 -4.24 2.74 18.89
CA GLU B 308 -3.18 2.17 19.72
C GLU B 308 -2.47 1.07 18.94
N ARG B 309 -1.17 0.91 19.19
CA ARG B 309 -0.33 0.06 18.33
C ARG B 309 -0.75 -1.41 18.25
N ASP B 310 -0.85 -2.08 19.39
CA ASP B 310 -1.09 -3.52 19.40
C ASP B 310 -2.43 -3.89 18.82
N ILE B 311 -3.48 -3.16 19.20
CA ILE B 311 -4.81 -3.47 18.71
C ILE B 311 -4.95 -3.15 17.20
N THR B 312 -4.28 -2.08 16.76
CA THR B 312 -4.27 -1.75 15.33
C THR B 312 -3.62 -2.87 14.50
N ALA B 313 -2.46 -3.37 14.94
CA ALA B 313 -1.78 -4.45 14.21
C ALA B 313 -2.62 -5.72 14.15
N ARG B 314 -3.38 -5.98 15.21
CA ARG B 314 -4.22 -7.17 15.27
C ARG B 314 -5.57 -7.07 14.58
N GLU B 315 -6.16 -5.87 14.56
CA GLU B 315 -7.55 -5.74 14.15
C GLU B 315 -7.75 -4.98 12.83
N LEU B 316 -6.79 -4.14 12.43
CA LEU B 316 -6.96 -3.29 11.26
C LEU B 316 -6.13 -3.77 10.05
N THR B 317 -6.37 -5.02 9.63
CA THR B 317 -5.60 -5.64 8.56
C THR B 317 -6.47 -6.60 7.74
N PRO B 318 -6.04 -6.91 6.51
CA PRO B 318 -6.65 -7.99 5.74
C PRO B 318 -6.69 -9.33 6.47
N ALA B 319 -5.63 -9.68 7.21
CA ALA B 319 -5.60 -10.98 7.93
C ALA B 319 -6.77 -11.11 8.87
N LYS B 320 -7.10 -10.01 9.54
CA LYS B 320 -8.26 -9.98 10.45
C LYS B 320 -9.60 -10.00 9.71
N VAL B 321 -9.74 -9.14 8.69
CA VAL B 321 -11.04 -8.84 8.11
C VAL B 321 -11.51 -9.90 7.10
N THR B 322 -10.56 -10.62 6.50
CA THR B 322 -10.85 -11.42 5.33
C THR B 322 -11.97 -12.44 5.56
N GLY B 323 -12.91 -12.48 4.62
CA GLY B 323 -14.05 -13.39 4.71
C GLY B 323 -15.14 -12.96 5.69
N THR B 324 -15.05 -11.73 6.22
CA THR B 324 -16.04 -11.23 7.18
C THR B 324 -16.71 -9.98 6.63
N LEU B 325 -17.85 -9.64 7.21
CA LEU B 325 -18.58 -8.44 6.82
C LEU B 325 -18.19 -7.18 7.61
N SER B 326 -17.20 -7.31 8.49
N SER B 326 -17.20 -7.30 8.50
CA SER B 326 -16.73 -6.18 9.32
CA SER B 326 -16.77 -6.17 9.32
C SER B 326 -16.00 -5.14 8.49
C SER B 326 -15.98 -5.14 8.52
N VAL B 327 -16.24 -3.88 8.79
CA VAL B 327 -15.53 -2.77 8.11
C VAL B 327 -14.83 -1.89 9.16
N PRO B 328 -13.65 -2.32 9.62
CA PRO B 328 -12.96 -1.50 10.62
C PRO B 328 -12.37 -0.23 10.04
N VAL B 329 -12.34 0.80 10.86
CA VAL B 329 -11.64 2.02 10.51
C VAL B 329 -10.87 2.47 11.74
N GLY B 330 -9.62 2.84 11.53
CA GLY B 330 -8.75 3.27 12.62
C GLY B 330 -7.74 4.30 12.18
N ARG B 331 -6.69 4.41 12.99
CA ARG B 331 -5.73 5.51 12.89
C ARG B 331 -6.43 6.86 12.79
N LEU B 332 -7.60 6.97 13.42
CA LEU B 332 -8.38 8.22 13.39
C LEU B 332 -7.73 9.29 14.26
N ARG B 333 -7.31 10.37 13.63
CA ARG B 333 -6.59 11.42 14.33
C ARG B 333 -6.55 12.65 13.45
N LYS B 334 -6.33 13.81 14.07
CA LYS B 334 -6.13 15.04 13.30
C LYS B 334 -4.70 15.05 12.81
N MET B 335 -4.48 15.67 11.65
CA MET B 335 -3.18 15.65 10.99
C MET B 335 -2.40 16.94 11.20
N ALA B 336 -1.13 16.90 10.85
CA ALA B 336 -0.23 18.04 11.03
C ALA B 336 -0.72 19.28 10.29
N MET B 337 -1.43 19.10 9.17
CA MET B 337 -1.95 20.21 8.39
C MET B 337 -2.99 21.06 9.13
N GLY B 338 -3.69 20.46 10.08
CA GLY B 338 -4.70 21.17 10.85
C GLY B 338 -5.75 20.28 11.44
N ASP B 339 -6.49 20.84 12.39
CA ASP B 339 -7.55 20.11 13.06
C ASP B 339 -8.80 19.91 12.22
N ASP B 340 -8.81 20.45 11.01
CA ASP B 340 -9.83 20.07 10.01
C ASP B 340 -9.33 19.05 8.97
N PHE B 341 -8.16 18.45 9.21
CA PHE B 341 -7.65 17.34 8.40
C PHE B 341 -7.73 16.07 9.25
N LEU B 342 -8.45 15.06 8.78
CA LEU B 342 -8.62 13.79 9.50
C LEU B 342 -7.95 12.64 8.74
N ASN B 343 -7.00 11.98 9.39
CA ASN B 343 -6.45 10.75 8.88
C ASN B 343 -7.39 9.58 9.19
N ALA B 344 -7.59 8.69 8.22
CA ALA B 344 -8.29 7.43 8.47
C ALA B 344 -7.71 6.28 7.66
N PHE B 345 -7.69 5.10 8.25
CA PHE B 345 -7.26 3.90 7.56
C PHE B 345 -8.32 2.84 7.78
N THR B 346 -8.83 2.28 6.68
CA THR B 346 -9.91 1.32 6.76
C THR B 346 -9.63 0.10 5.89
N VAL B 347 -10.18 -1.03 6.31
CA VAL B 347 -10.03 -2.31 5.64
C VAL B 347 -11.42 -2.92 5.46
N GLY B 348 -11.68 -3.52 4.30
CA GLY B 348 -12.92 -4.23 4.08
C GLY B 348 -12.80 -5.36 3.06
N ASP B 349 -13.66 -6.36 3.18
CA ASP B 349 -13.61 -7.52 2.29
C ASP B 349 -14.19 -7.15 0.93
N GLN B 350 -13.39 -7.35 -0.11
CA GLN B 350 -13.79 -6.98 -1.46
C GLN B 350 -14.99 -7.78 -2.02
N LEU B 351 -15.14 -9.03 -1.60
CA LEU B 351 -16.15 -9.91 -2.21
C LEU B 351 -17.52 -9.80 -1.52
N LEU B 352 -17.52 -9.29 -0.30
CA LEU B 352 -18.77 -9.19 0.46
C LEU B 352 -19.41 -7.82 0.24
N TRP B 353 -19.09 -6.81 1.05
CA TRP B 353 -19.67 -5.48 0.84
C TRP B 353 -19.23 -4.89 -0.50
N GLY B 354 -18.07 -5.31 -0.97
CA GLY B 354 -17.55 -4.83 -2.23
C GLY B 354 -18.11 -5.52 -3.47
N ALA B 355 -18.93 -6.55 -3.31
CA ALA B 355 -19.52 -7.24 -4.47
C ALA B 355 -20.86 -7.94 -4.21
N ALA B 356 -20.85 -9.04 -3.49
CA ALA B 356 -22.03 -9.91 -3.37
C ALA B 356 -23.12 -9.41 -2.40
N GLU B 357 -22.72 -8.81 -1.28
CA GLU B 357 -23.67 -8.51 -0.23
C GLU B 357 -24.75 -7.49 -0.64
N PRO B 358 -24.37 -6.41 -1.36
CA PRO B 358 -25.44 -5.50 -1.76
C PRO B 358 -26.48 -6.13 -2.68
N LEU B 359 -26.09 -7.16 -3.43
CA LEU B 359 -27.01 -7.84 -4.36
C LEU B 359 -28.08 -8.62 -3.61
N ARG B 360 -27.69 -9.47 -2.66
CA ARG B 360 -28.67 -10.24 -1.88
C ARG B 360 -29.53 -9.33 -0.97
N ARG B 361 -28.94 -8.24 -0.48
CA ARG B 361 -29.68 -7.32 0.37
C ARG B 361 -30.75 -6.55 -0.41
N THR B 362 -30.42 -6.21 -1.65
CA THR B 362 -31.38 -5.56 -2.54
C THR B 362 -32.56 -6.49 -2.89
N LEU B 363 -32.27 -7.76 -3.12
CA LEU B 363 -33.33 -8.77 -3.28
C LEU B 363 -34.26 -8.80 -2.07
N ARG B 364 -33.68 -8.80 -0.87
CA ARG B 364 -34.47 -8.85 0.37
C ARG B 364 -35.34 -7.61 0.57
N ILE B 365 -34.83 -6.43 0.18
CA ILE B 365 -35.59 -5.18 0.30
C ILE B 365 -36.81 -5.22 -0.64
N ILE B 366 -36.61 -5.67 -1.87
CA ILE B 366 -37.70 -5.78 -2.83
C ILE B 366 -38.78 -6.75 -2.33
N LEU B 367 -38.37 -7.95 -1.93
CA LEU B 367 -39.29 -8.92 -1.33
C LEU B 367 -40.09 -8.33 -0.17
N ALA B 368 -39.44 -7.56 0.69
CA ALA B 368 -40.06 -7.03 1.89
C ALA B 368 -41.17 -6.01 1.62
N GLU B 369 -41.12 -5.34 0.47
CA GLU B 369 -42.16 -4.38 0.09
C GLU B 369 -43.46 -5.10 -0.28
#